data_3KCQ
#
_entry.id   3KCQ
#
_cell.length_a   62.450
_cell.length_b   125.247
_cell.length_c   138.537
_cell.angle_alpha   90.00
_cell.angle_beta   95.44
_cell.angle_gamma   90.00
#
_symmetry.space_group_name_H-M   'C 1 2 1'
#
loop_
_entity.id
_entity.type
_entity.pdbx_description
1 polymer 'Phosphoribosylglycinamide formyltransferase'
2 non-polymer GLYCEROL
3 water water
#
_entity_poly.entity_id   1
_entity_poly.type   'polypeptide(L)'
_entity_poly.pdbx_seq_one_letter_code
;GPGSMKKELRVGVLISGRGSNLEALAKAFSTEESSVVISCVISNNAEARGLLIAQSYGIPTFVVKRKPLDIEHISTVLRE
HDVDLVCLAGFMSILPEKFVTDWHHKIINIHPSLLPSFKGLNAQEQAYKAGVKIAGCTLHYVYQELDAGPIIMQAAVPVL
REDTAESLASRILAAEHVCYPKGVKLIAQDKIKLCDDGTVQCTGEDELFLFQENF
;
_entity_poly.pdbx_strand_id   A,B,C,D
#
loop_
_chem_comp.id
_chem_comp.type
_chem_comp.name
_chem_comp.formula
GOL non-polymer GLYCEROL 'C3 H8 O3'
#
# COMPACT_ATOMS: atom_id res chain seq x y z
N LYS A 7 -8.32 24.66 -18.48
CA LYS A 7 -7.31 24.03 -17.59
C LYS A 7 -7.93 22.99 -16.62
N GLU A 8 -8.19 21.79 -17.14
CA GLU A 8 -8.47 20.62 -16.28
C GLU A 8 -7.55 19.45 -16.74
N LEU A 9 -7.80 18.85 -17.90
CA LEU A 9 -6.85 17.85 -18.43
C LEU A 9 -5.66 18.55 -19.10
N ARG A 10 -4.47 18.28 -18.61
CA ARG A 10 -3.23 18.87 -19.12
C ARG A 10 -2.53 17.83 -20.01
N VAL A 11 -2.29 18.17 -21.27
CA VAL A 11 -1.66 17.28 -22.23
C VAL A 11 -0.22 17.68 -22.61
N GLY A 12 0.64 16.68 -22.79
CA GLY A 12 1.94 16.85 -23.43
C GLY A 12 1.98 16.12 -24.74
N VAL A 13 2.44 16.79 -25.79
CA VAL A 13 2.49 16.21 -27.11
C VAL A 13 3.94 16.05 -27.56
N LEU A 14 4.29 14.82 -27.94
CA LEU A 14 5.65 14.48 -28.38
C LEU A 14 5.65 14.43 -29.90
N ILE A 15 6.53 15.18 -30.55
CA ILE A 15 6.62 15.23 -32.01
C ILE A 15 8.06 15.07 -32.54
N SER A 16 8.16 14.69 -33.82
CA SER A 16 9.44 14.67 -34.58
C SER A 16 9.38 15.38 -35.93
N GLY A 17 8.18 15.75 -36.40
CA GLY A 17 8.02 16.23 -37.79
C GLY A 17 7.14 17.46 -37.97
N ARG A 18 6.30 17.39 -39.00
CA ARG A 18 5.46 18.51 -39.44
C ARG A 18 4.43 18.96 -38.42
N GLY A 19 4.04 18.06 -37.52
CA GLY A 19 3.04 18.35 -36.53
C GLY A 19 1.66 18.70 -37.06
N SER A 20 1.19 17.97 -38.08
CA SER A 20 -0.19 18.15 -38.57
C SER A 20 -1.24 17.65 -37.58
N ASN A 21 -0.98 16.51 -36.96
CA ASN A 21 -1.85 16.06 -35.88
C ASN A 21 -1.82 16.99 -34.65
N LEU A 22 -0.64 17.52 -34.28
CA LEU A 22 -0.54 18.53 -33.22
C LEU A 22 -1.44 19.72 -33.54
N GLU A 23 -1.45 20.10 -34.81
CA GLU A 23 -2.18 21.28 -35.25
C GLU A 23 -3.69 21.06 -35.05
N ALA A 24 -4.19 19.97 -35.60
CA ALA A 24 -5.58 19.55 -35.31
C ALA A 24 -5.84 19.63 -33.79
N LEU A 25 -4.98 19.02 -32.99
CA LEU A 25 -5.14 19.04 -31.54
C LEU A 25 -5.17 20.45 -30.94
N ALA A 26 -4.31 21.35 -31.42
CA ALA A 26 -4.26 22.74 -30.90
C ALA A 26 -5.48 23.57 -31.33
N LYS A 27 -5.93 23.37 -32.58
CA LYS A 27 -7.17 24.01 -33.07
C LYS A 27 -8.37 23.58 -32.23
N ALA A 28 -8.50 22.26 -32.03
CA ALA A 28 -9.64 21.71 -31.29
C ALA A 28 -9.79 22.24 -29.86
N PHE A 29 -8.66 22.46 -29.18
CA PHE A 29 -8.71 22.78 -27.75
C PHE A 29 -8.30 24.19 -27.37
N SER A 30 -8.42 25.14 -28.31
CA SER A 30 -8.13 26.56 -28.02
C SER A 30 -9.38 27.45 -28.11
N THR A 31 -10.56 26.87 -27.88
CA THR A 31 -11.77 27.66 -27.66
C THR A 31 -11.96 27.87 -26.16
N GLU A 33 -14.23 27.74 -23.89
CA GLU A 33 -15.18 26.64 -24.09
C GLU A 33 -14.57 25.26 -23.82
N SER A 34 -13.24 25.18 -23.71
CA SER A 34 -12.52 23.90 -23.76
C SER A 34 -12.01 23.39 -22.41
N SER A 35 -11.98 22.06 -22.28
CA SER A 35 -11.62 21.38 -21.04
C SER A 35 -10.13 21.05 -20.99
N VAL A 36 -9.51 21.01 -22.15
CA VAL A 36 -8.16 20.51 -22.30
C VAL A 36 -7.18 21.65 -22.59
N VAL A 37 -5.97 21.50 -22.02
CA VAL A 37 -4.84 22.39 -22.23
C VAL A 37 -3.62 21.58 -22.69
N ILE A 38 -3.02 21.99 -23.80
CA ILE A 38 -1.74 21.43 -24.17
C ILE A 38 -0.71 22.23 -23.43
N SER A 39 -0.06 21.65 -22.43
CA SER A 39 0.86 22.44 -21.58
C SER A 39 2.26 22.50 -22.12
N CYS A 40 2.66 21.53 -22.96
CA CYS A 40 3.94 21.61 -23.65
C CYS A 40 3.96 20.69 -24.85
N VAL A 41 4.89 20.98 -25.76
CA VAL A 41 5.20 20.18 -26.92
C VAL A 41 6.70 19.88 -26.86
N ILE A 42 7.08 18.61 -27.05
CA ILE A 42 8.47 18.18 -27.01
C ILE A 42 8.88 17.46 -28.31
N SER A 43 10.06 17.80 -28.81
CA SER A 43 10.60 17.23 -30.03
C SER A 43 11.97 16.65 -29.82
N ASN A 44 12.25 15.57 -30.55
CA ASN A 44 13.60 15.01 -30.58
C ASN A 44 14.36 15.46 -31.81
N ASN A 45 13.83 16.49 -32.48
CA ASN A 45 14.38 17.00 -33.75
C ASN A 45 14.30 18.53 -33.75
N ALA A 46 15.45 19.19 -33.79
CA ALA A 46 15.53 20.65 -33.80
C ALA A 46 14.98 21.30 -35.06
N GLU A 47 14.75 20.48 -36.09
CA GLU A 47 14.24 20.93 -37.38
C GLU A 47 12.74 20.62 -37.52
N ALA A 48 12.08 20.18 -36.44
CA ALA A 48 10.67 19.77 -36.54
C ALA A 48 9.76 20.98 -36.73
N ARG A 49 9.11 21.06 -37.89
CA ARG A 49 8.21 22.16 -38.21
C ARG A 49 7.05 22.30 -37.19
N GLY A 50 6.64 21.21 -36.57
CA GLY A 50 5.58 21.27 -35.55
C GLY A 50 5.90 22.20 -34.41
N LEU A 51 7.17 22.38 -34.12
CA LEU A 51 7.59 23.35 -33.10
C LEU A 51 7.04 24.77 -33.39
N LEU A 52 7.00 25.17 -34.66
CA LEU A 52 6.50 26.50 -35.05
C LEU A 52 4.99 26.63 -34.87
N ILE A 53 4.28 25.55 -35.17
CA ILE A 53 2.83 25.46 -34.96
C ILE A 53 2.62 25.69 -33.48
N ALA A 54 3.39 24.97 -32.67
CA ALA A 54 3.19 25.02 -31.24
C ALA A 54 3.35 26.43 -30.74
N GLN A 55 4.35 27.12 -31.31
CA GLN A 55 4.74 28.46 -30.84
C GLN A 55 3.69 29.49 -31.26
N SER A 56 3.02 29.23 -32.40
CA SER A 56 1.94 30.12 -32.87
C SER A 56 0.69 30.02 -31.95
N TYR A 57 0.55 28.89 -31.25
CA TYR A 57 -0.54 28.76 -30.27
C TYR A 57 -0.16 29.15 -28.84
N GLY A 58 1.03 29.75 -28.69
CA GLY A 58 1.53 30.14 -27.38
C GLY A 58 1.97 28.99 -26.49
N ILE A 59 2.18 27.79 -27.05
CA ILE A 59 2.53 26.59 -26.23
C ILE A 59 4.03 26.41 -26.06
N PRO A 60 4.51 26.30 -24.81
CA PRO A 60 5.97 26.22 -24.65
C PRO A 60 6.57 24.98 -25.36
N THR A 61 7.71 25.16 -26.03
CA THR A 61 8.36 24.06 -26.75
C THR A 61 9.75 23.74 -26.22
N PHE A 62 10.14 22.47 -26.38
CA PHE A 62 11.40 21.97 -25.86
C PHE A 62 12.02 20.99 -26.87
N VAL A 63 13.31 21.16 -27.17
CA VAL A 63 14.01 20.23 -28.05
C VAL A 63 14.93 19.39 -27.18
N VAL A 64 14.87 18.05 -27.35
CA VAL A 64 15.74 17.13 -26.62
C VAL A 64 16.65 16.32 -27.56
N LYS A 65 17.81 15.91 -27.05
CA LYS A 65 18.79 15.13 -27.83
C LYS A 65 18.17 13.79 -28.22
N ARG A 66 18.55 13.29 -29.40
CA ARG A 66 17.87 12.14 -30.01
C ARG A 66 18.57 10.80 -29.80
N LYS A 67 19.89 10.82 -29.78
CA LYS A 67 20.67 9.59 -29.84
C LYS A 67 21.92 9.78 -29.00
N PRO A 68 21.92 9.25 -27.76
CA PRO A 68 20.83 8.50 -27.12
C PRO A 68 19.74 9.46 -26.64
N LEU A 69 18.50 9.00 -26.71
CA LEU A 69 17.35 9.82 -26.34
C LEU A 69 17.47 10.25 -24.88
N ASP A 70 17.37 11.55 -24.64
CA ASP A 70 17.53 12.11 -23.31
C ASP A 70 16.17 12.10 -22.64
N ILE A 71 15.80 10.92 -22.14
CA ILE A 71 14.48 10.71 -21.61
C ILE A 71 14.25 11.36 -20.24
N GLU A 72 15.34 11.58 -19.49
CA GLU A 72 15.26 12.25 -18.18
C GLU A 72 14.83 13.73 -18.38
N HIS A 73 15.25 14.33 -19.49
CA HIS A 73 14.79 15.67 -19.82
C HIS A 73 13.30 15.66 -20.23
N ILE A 74 12.88 14.67 -21.00
CA ILE A 74 11.46 14.56 -21.36
C ILE A 74 10.57 14.46 -20.10
N SER A 75 10.89 13.52 -19.21
CA SER A 75 10.16 13.35 -17.96
C SER A 75 10.21 14.62 -17.12
N THR A 76 11.35 15.28 -17.08
CA THR A 76 11.49 16.53 -16.35
C THR A 76 10.52 17.60 -16.85
N VAL A 77 10.42 17.75 -18.16
CA VAL A 77 9.54 18.76 -18.75
C VAL A 77 8.08 18.40 -18.52
N LEU A 78 7.74 17.14 -18.69
CA LEU A 78 6.37 16.68 -18.45
C LEU A 78 5.96 16.88 -16.97
N ARG A 79 6.82 16.50 -16.02
CA ARG A 79 6.49 16.70 -14.59
C ARG A 79 6.31 18.20 -14.30
N GLU A 80 7.28 19.02 -14.74
CA GLU A 80 7.25 20.48 -14.54
C GLU A 80 6.04 21.19 -15.18
N HIS A 81 5.41 20.59 -16.19
CA HIS A 81 4.18 21.16 -16.77
C HIS A 81 2.92 20.43 -16.36
N ASP A 82 3.03 19.61 -15.32
CA ASP A 82 1.88 18.94 -14.73
C ASP A 82 1.03 18.15 -15.74
N VAL A 83 1.71 17.42 -16.62
CA VAL A 83 1.02 16.67 -17.68
C VAL A 83 0.29 15.46 -17.09
N ASP A 84 -1.00 15.34 -17.39
CA ASP A 84 -1.82 14.16 -17.08
C ASP A 84 -1.76 13.08 -18.16
N LEU A 85 -1.58 13.47 -19.41
CA LEU A 85 -1.73 12.57 -20.56
C LEU A 85 -0.73 12.91 -21.64
N VAL A 86 0.05 11.92 -22.06
CA VAL A 86 1.06 12.12 -23.08
C VAL A 86 0.52 11.63 -24.42
N CYS A 87 0.58 12.47 -25.43
CA CYS A 87 0.15 12.08 -26.78
C CYS A 87 1.35 12.03 -27.74
N LEU A 88 1.60 10.84 -28.29
CA LEU A 88 2.55 10.71 -29.37
C LEU A 88 1.84 11.09 -30.67
N ALA A 89 2.49 11.99 -31.41
CA ALA A 89 1.94 12.52 -32.65
C ALA A 89 3.06 12.64 -33.69
N GLY A 90 3.44 11.50 -34.26
CA GLY A 90 4.57 11.45 -35.17
C GLY A 90 5.93 11.40 -34.50
N PHE A 91 5.99 10.96 -33.23
CA PHE A 91 7.27 10.86 -32.50
C PHE A 91 8.00 9.59 -32.97
N MET A 92 9.24 9.76 -33.44
CA MET A 92 10.05 8.69 -34.04
C MET A 92 11.21 8.31 -33.12
N SER A 93 10.94 7.32 -32.28
CA SER A 93 11.90 6.73 -31.37
C SER A 93 11.20 5.50 -30.80
N ILE A 94 12.00 4.57 -30.28
CA ILE A 94 11.47 3.50 -29.49
C ILE A 94 11.69 3.94 -28.04
N LEU A 95 10.59 4.15 -27.32
CA LEU A 95 10.65 4.59 -25.93
C LEU A 95 11.20 3.48 -25.04
N PRO A 96 11.95 3.87 -24.00
CA PRO A 96 12.47 2.87 -23.11
C PRO A 96 11.42 2.28 -22.16
N GLU A 97 11.74 1.10 -21.63
CA GLU A 97 10.83 0.31 -20.80
C GLU A 97 10.32 1.09 -19.59
N LYS A 98 11.23 1.68 -18.82
CA LYS A 98 10.86 2.38 -17.61
C LYS A 98 9.85 3.46 -17.93
N PHE A 99 10.08 4.20 -19.01
CA PHE A 99 9.20 5.29 -19.35
C PHE A 99 7.79 4.80 -19.71
N VAL A 100 7.71 3.73 -20.49
CA VAL A 100 6.42 3.15 -20.81
C VAL A 100 5.72 2.62 -19.54
N THR A 101 6.48 1.96 -18.65
CA THR A 101 5.98 1.45 -17.40
C THR A 101 5.45 2.64 -16.57
N ASP A 102 6.31 3.64 -16.37
CA ASP A 102 5.96 4.86 -15.63
C ASP A 102 4.69 5.60 -16.07
N TRP A 103 4.47 5.73 -17.37
CA TRP A 103 3.28 6.45 -17.87
C TRP A 103 2.11 5.53 -18.27
N HIS A 104 2.10 4.29 -17.78
CA HIS A 104 1.06 3.31 -18.10
C HIS A 104 -0.33 3.87 -17.88
N HIS A 105 -1.20 3.69 -18.87
CA HIS A 105 -2.55 4.22 -18.84
C HIS A 105 -2.59 5.71 -19.14
N LYS A 106 -1.43 6.33 -19.34
CA LYS A 106 -1.40 7.77 -19.53
C LYS A 106 -0.65 8.20 -20.78
N ILE A 107 -0.31 7.27 -21.68
CA ILE A 107 0.28 7.60 -22.97
C ILE A 107 -0.59 6.98 -24.06
N ILE A 108 -0.85 7.77 -25.08
CA ILE A 108 -1.57 7.30 -26.24
C ILE A 108 -0.81 7.69 -27.51
N ASN A 109 -1.23 7.07 -28.61
CA ASN A 109 -0.66 7.28 -29.92
C ASN A 109 -1.76 7.15 -30.98
N ILE A 110 -1.54 7.77 -32.13
CA ILE A 110 -2.40 7.48 -33.27
C ILE A 110 -1.55 6.84 -34.35
N HIS A 111 -2.09 5.80 -34.97
CA HIS A 111 -1.36 4.99 -35.93
C HIS A 111 -2.23 4.89 -37.17
N PRO A 112 -1.64 5.11 -38.37
CA PRO A 112 -2.39 5.24 -39.61
C PRO A 112 -2.74 3.92 -40.30
N SER A 113 -3.32 3.02 -39.51
CA SER A 113 -3.96 1.81 -40.02
C SER A 113 -5.10 1.38 -39.11
N LEU A 114 -5.88 0.42 -39.60
CA LEU A 114 -6.89 -0.29 -38.80
C LEU A 114 -6.23 -1.45 -38.10
N LEU A 115 -5.74 -1.19 -36.88
CA LEU A 115 -5.01 -2.19 -36.13
C LEU A 115 -5.99 -3.31 -35.81
N PRO A 116 -5.49 -4.56 -35.71
CA PRO A 116 -4.07 -4.92 -35.58
C PRO A 116 -3.33 -5.16 -36.89
N SER A 117 -3.95 -4.83 -38.02
CA SER A 117 -3.26 -4.92 -39.29
C SER A 117 -2.26 -3.78 -39.50
N PHE A 118 -1.11 -4.14 -40.08
CA PHE A 118 -0.12 -3.18 -40.51
C PHE A 118 0.51 -2.39 -39.36
N LYS A 119 0.86 -3.07 -38.26
CA LYS A 119 1.72 -2.55 -37.21
C LYS A 119 3.08 -1.99 -37.76
N GLY A 120 3.65 -0.99 -37.09
CA GLY A 120 5.03 -0.56 -37.39
C GLY A 120 5.10 0.59 -38.37
N LEU A 121 6.29 0.87 -38.89
CA LEU A 121 6.47 1.95 -39.86
C LEU A 121 5.84 1.59 -41.21
N ASN A 122 5.53 2.65 -41.98
CA ASN A 122 5.10 2.55 -43.37
C ASN A 122 3.75 1.86 -43.51
N ALA A 123 2.81 2.22 -42.62
CA ALA A 123 1.58 1.48 -42.46
C ALA A 123 0.67 1.65 -43.65
N GLN A 124 0.73 2.83 -44.26
CA GLN A 124 -0.08 3.15 -45.45
C GLN A 124 0.42 2.44 -46.70
N GLU A 125 1.73 2.41 -46.89
CA GLU A 125 2.32 1.72 -48.05
C GLU A 125 1.96 0.24 -47.98
N GLN A 126 2.07 -0.34 -46.78
CA GLN A 126 1.78 -1.74 -46.56
C GLN A 126 0.36 -2.09 -46.97
N ALA A 127 -0.57 -1.23 -46.58
CA ALA A 127 -1.98 -1.36 -46.90
C ALA A 127 -2.20 -1.25 -48.39
N TYR A 128 -1.59 -0.22 -48.98
CA TYR A 128 -1.69 -0.02 -50.43
C TYR A 128 -1.20 -1.25 -51.18
N LYS A 129 -0.02 -1.76 -50.84
CA LYS A 129 0.51 -2.93 -51.59
C LYS A 129 -0.39 -4.13 -51.34
N ALA A 130 -0.98 -4.21 -50.15
CA ALA A 130 -1.88 -5.30 -49.74
C ALA A 130 -3.17 -5.40 -50.58
N GLY A 131 -3.61 -4.27 -51.12
CA GLY A 131 -4.84 -4.24 -51.91
C GLY A 131 -6.09 -4.28 -51.08
N VAL A 132 -6.01 -3.83 -49.84
CA VAL A 132 -7.20 -3.64 -49.05
C VAL A 132 -8.12 -2.61 -49.70
N LYS A 133 -9.41 -2.74 -49.45
CA LYS A 133 -10.40 -1.84 -50.05
C LYS A 133 -10.86 -0.80 -49.03
N ILE A 134 -10.50 -1.03 -47.78
CA ILE A 134 -10.85 -0.13 -46.67
C ILE A 134 -9.63 -0.03 -45.78
N ALA A 135 -9.30 1.19 -45.32
CA ALA A 135 -8.19 1.43 -44.41
C ALA A 135 -8.64 2.43 -43.37
N GLY A 136 -7.73 3.05 -42.63
CA GLY A 136 -8.18 3.94 -41.57
C GLY A 136 -7.11 4.20 -40.55
N CYS A 137 -7.50 4.75 -39.40
CA CYS A 137 -6.54 4.97 -38.33
C CYS A 137 -7.06 4.45 -36.99
N THR A 138 -6.14 4.27 -36.05
CA THR A 138 -6.47 3.76 -34.71
C THR A 138 -5.82 4.60 -33.65
N LEU A 139 -6.59 4.96 -32.64
CA LEU A 139 -6.05 5.60 -31.45
C LEU A 139 -5.96 4.53 -30.36
N HIS A 140 -4.83 4.43 -29.68
CA HIS A 140 -4.60 3.34 -28.74
C HIS A 140 -3.67 3.75 -27.58
N TYR A 141 -3.86 3.16 -26.40
CA TYR A 141 -2.87 3.27 -25.33
C TYR A 141 -1.56 2.62 -25.75
N VAL A 142 -0.45 3.30 -25.47
CA VAL A 142 0.90 2.79 -25.72
C VAL A 142 1.29 1.84 -24.56
N TYR A 143 1.43 0.56 -24.93
CA TYR A 143 1.94 -0.49 -24.08
C TYR A 143 3.33 -0.93 -24.56
N GLN A 144 3.84 -1.99 -23.95
CA GLN A 144 5.20 -2.43 -24.07
C GLN A 144 5.51 -2.84 -25.49
N GLU A 145 4.57 -3.50 -26.15
CA GLU A 145 4.81 -3.95 -27.52
C GLU A 145 4.34 -2.92 -28.50
N LEU A 146 5.14 -2.72 -29.52
CA LEU A 146 4.87 -1.64 -30.45
C LEU A 146 3.50 -1.87 -31.11
N ASP A 147 2.68 -0.83 -31.06
CA ASP A 147 1.43 -0.79 -31.79
C ASP A 147 0.43 -1.88 -31.38
N ALA A 148 0.59 -2.45 -30.19
CA ALA A 148 -0.29 -3.53 -29.68
C ALA A 148 -1.10 -3.23 -28.40
N GLY A 149 -0.96 -2.06 -27.77
CA GLY A 149 -1.80 -1.72 -26.60
C GLY A 149 -3.29 -1.53 -26.90
N PRO A 150 -4.12 -1.36 -25.86
CA PRO A 150 -5.57 -1.42 -26.10
C PRO A 150 -6.13 -0.22 -26.88
N ILE A 151 -7.08 -0.55 -27.76
CA ILE A 151 -7.63 0.34 -28.76
C ILE A 151 -8.74 1.20 -28.18
N ILE A 152 -8.67 2.51 -28.40
CA ILE A 152 -9.61 3.49 -27.84
C ILE A 152 -10.61 3.91 -28.88
N MET A 153 -10.13 4.23 -30.09
CA MET A 153 -10.99 4.71 -31.16
C MET A 153 -10.48 4.24 -32.55
N GLN A 154 -11.37 3.96 -33.49
CA GLN A 154 -10.93 3.66 -34.86
C GLN A 154 -11.76 4.42 -35.86
N ALA A 155 -11.16 4.82 -36.97
CA ALA A 155 -11.91 5.50 -38.03
C ALA A 155 -11.56 4.86 -39.37
N ALA A 156 -12.55 4.57 -40.20
CA ALA A 156 -12.30 3.87 -41.46
C ALA A 156 -12.39 4.81 -42.65
N VAL A 157 -11.53 4.59 -43.64
CA VAL A 157 -11.63 5.28 -44.91
C VAL A 157 -11.58 4.27 -46.08
N PRO A 158 -12.09 4.66 -47.24
CA PRO A 158 -12.02 3.83 -48.43
C PRO A 158 -10.73 4.04 -49.23
N VAL A 159 -10.41 3.08 -50.08
CA VAL A 159 -9.28 3.15 -51.02
C VAL A 159 -9.89 3.14 -52.40
N LEU A 160 -9.67 4.18 -53.19
CA LEU A 160 -10.39 4.30 -54.44
C LEU A 160 -9.53 3.69 -55.55
N ARG A 161 -10.14 3.36 -56.68
CA ARG A 161 -9.41 2.73 -57.77
C ARG A 161 -8.18 3.53 -58.16
N GLU A 162 -8.29 4.86 -58.17
CA GLU A 162 -7.24 5.71 -58.71
C GLU A 162 -6.15 6.09 -57.66
N ASP A 163 -6.25 5.57 -56.44
CA ASP A 163 -5.34 6.00 -55.38
C ASP A 163 -3.89 5.66 -55.68
N THR A 164 -3.01 6.42 -55.05
CA THR A 164 -1.61 6.06 -54.88
C THR A 164 -1.42 5.83 -53.38
N ALA A 165 -0.29 5.22 -53.02
CA ALA A 165 0.07 5.11 -51.61
C ALA A 165 0.03 6.46 -50.92
N GLU A 166 0.46 7.52 -51.63
CA GLU A 166 0.52 8.89 -51.03
C GLU A 166 -0.86 9.53 -50.86
N SER A 167 -1.74 9.37 -51.85
CA SER A 167 -3.11 9.91 -51.77
C SER A 167 -3.96 9.20 -50.71
N LEU A 168 -3.76 7.89 -50.54
CA LEU A 168 -4.40 7.13 -49.44
C LEU A 168 -3.92 7.61 -48.08
N ALA A 169 -2.61 7.86 -47.94
CA ALA A 169 -2.04 8.48 -46.72
C ALA A 169 -2.75 9.77 -46.39
N SER A 170 -2.94 10.65 -47.38
CA SER A 170 -3.59 11.94 -47.11
C SER A 170 -5.01 11.71 -46.58
N ARG A 171 -5.73 10.74 -47.14
CA ARG A 171 -7.08 10.46 -46.69
C ARG A 171 -7.10 9.93 -45.26
N ILE A 172 -6.10 9.11 -44.93
CA ILE A 172 -6.00 8.58 -43.58
C ILE A 172 -5.60 9.68 -42.60
N LEU A 173 -4.66 10.54 -43.00
CA LEU A 173 -4.22 11.68 -42.18
C LEU A 173 -5.37 12.63 -41.90
N ALA A 174 -6.18 12.91 -42.91
CA ALA A 174 -7.44 13.65 -42.76
C ALA A 174 -8.34 13.05 -41.66
N ALA A 175 -8.40 11.72 -41.59
CA ALA A 175 -9.25 11.07 -40.61
C ALA A 175 -8.60 11.13 -39.22
N GLU A 176 -7.27 11.03 -39.18
CA GLU A 176 -6.53 11.19 -37.92
C GLU A 176 -6.90 12.54 -37.31
N HIS A 177 -7.01 13.59 -38.13
CA HIS A 177 -7.35 14.94 -37.58
C HIS A 177 -8.68 15.02 -36.81
N VAL A 178 -9.61 14.13 -37.12
CA VAL A 178 -10.93 14.13 -36.50
C VAL A 178 -10.91 13.23 -35.27
N CYS A 179 -10.25 12.09 -35.42
CA CYS A 179 -10.23 11.04 -34.40
C CYS A 179 -9.42 11.42 -33.14
N TYR A 180 -8.23 12.00 -33.33
CA TYR A 180 -7.35 12.28 -32.19
C TYR A 180 -8.05 13.24 -31.19
N PRO A 181 -8.55 14.40 -31.66
CA PRO A 181 -9.15 15.29 -30.66
C PRO A 181 -10.40 14.72 -30.02
N LYS A 182 -11.24 14.03 -30.78
CA LYS A 182 -12.44 13.45 -30.20
C LYS A 182 -12.02 12.52 -29.08
N GLY A 183 -10.98 11.75 -29.36
CA GLY A 183 -10.45 10.78 -28.42
C GLY A 183 -9.97 11.42 -27.14
N VAL A 184 -9.17 12.47 -27.28
CA VAL A 184 -8.64 13.13 -26.10
C VAL A 184 -9.76 13.74 -25.27
N LYS A 185 -10.76 14.28 -25.97
CA LYS A 185 -11.90 14.88 -25.29
C LYS A 185 -12.62 13.87 -24.39
N LEU A 186 -12.79 12.67 -24.89
CA LEU A 186 -13.45 11.63 -24.11
C LEU A 186 -12.65 11.27 -22.88
N ILE A 187 -11.32 11.26 -23.00
CA ILE A 187 -10.46 11.04 -21.84
C ILE A 187 -10.58 12.19 -20.84
N ALA A 188 -10.67 13.43 -21.32
CA ALA A 188 -10.67 14.59 -20.42
C ALA A 188 -11.97 14.68 -19.65
N GLN A 189 -13.06 14.26 -20.29
CA GLN A 189 -14.35 14.29 -19.63
C GLN A 189 -14.71 12.94 -19.00
N ASP A 190 -13.72 12.13 -18.70
CA ASP A 190 -13.89 10.95 -17.82
C ASP A 190 -14.80 9.82 -18.33
N LYS A 191 -14.93 9.69 -19.65
CA LYS A 191 -15.81 8.70 -20.28
C LYS A 191 -15.09 7.49 -20.85
N ILE A 192 -13.76 7.43 -20.69
CA ILE A 192 -12.99 6.28 -21.17
C ILE A 192 -12.61 5.42 -19.95
N LYS A 193 -12.73 4.11 -20.14
CA LYS A 193 -12.66 3.10 -19.09
C LYS A 193 -12.01 1.83 -19.62
N LEU A 194 -10.92 1.39 -18.99
CA LEU A 194 -10.32 0.10 -19.27
C LEU A 194 -11.12 -0.97 -18.54
N CYS A 195 -11.52 -2.04 -19.22
CA CYS A 195 -12.32 -3.09 -18.59
C CYS A 195 -11.46 -4.25 -18.13
N ASP A 196 -12.06 -5.18 -17.39
CA ASP A 196 -11.36 -6.32 -16.81
C ASP A 196 -10.71 -7.22 -17.88
N ASP A 197 -11.43 -7.43 -18.99
CA ASP A 197 -10.91 -8.16 -20.16
C ASP A 197 -9.87 -7.41 -21.00
N GLY A 198 -9.38 -6.27 -20.50
CA GLY A 198 -8.32 -5.52 -21.21
C GLY A 198 -8.75 -4.68 -22.41
N THR A 199 -10.05 -4.66 -22.71
CA THR A 199 -10.57 -3.81 -23.77
C THR A 199 -11.03 -2.50 -23.16
N VAL A 200 -11.16 -1.48 -23.99
CA VAL A 200 -11.56 -0.14 -23.58
C VAL A 200 -12.97 0.16 -24.06
N GLN A 201 -13.71 0.89 -23.24
CA GLN A 201 -15.12 1.16 -23.53
C GLN A 201 -15.49 2.58 -23.10
N CYS A 202 -16.51 3.15 -23.75
CA CYS A 202 -17.04 4.47 -23.40
C CYS A 202 -18.26 4.35 -22.50
N THR A 203 -18.26 5.11 -21.40
CA THR A 203 -19.40 5.16 -20.47
C THR A 203 -20.45 6.22 -20.85
N GLY A 204 -20.14 7.05 -21.84
CA GLY A 204 -21.09 8.06 -22.36
C GLY A 204 -21.72 7.72 -23.72
N GLU A 205 -22.63 8.59 -24.16
CA GLU A 205 -23.39 8.38 -25.42
C GLU A 205 -22.51 8.18 -26.65
N ASP A 206 -21.35 8.82 -26.67
CA ASP A 206 -20.49 8.85 -27.85
C ASP A 206 -20.01 7.46 -28.29
N GLU A 207 -19.64 7.36 -29.55
CA GLU A 207 -19.15 6.11 -30.14
C GLU A 207 -17.66 6.14 -30.37
N LEU A 208 -17.04 4.96 -30.34
CA LEU A 208 -15.61 4.85 -30.50
C LEU A 208 -15.20 4.49 -31.91
N PHE A 209 -16.18 4.37 -32.80
CA PHE A 209 -15.93 4.15 -34.24
C PHE A 209 -16.29 5.37 -35.06
N LEU A 210 -15.54 5.59 -36.13
CA LEU A 210 -15.85 6.63 -37.12
C LEU A 210 -15.78 6.08 -38.55
N PHE A 211 -16.85 6.34 -39.31
CA PHE A 211 -16.85 6.06 -40.74
C PHE A 211 -16.70 7.36 -41.53
N GLN A 212 -15.49 7.58 -42.07
CA GLN A 212 -15.15 8.77 -42.86
C GLN A 212 -15.09 8.44 -44.35
N GLU A 213 -16.02 9.01 -45.12
CA GLU A 213 -16.08 8.85 -46.60
C GLU A 213 -15.60 10.11 -47.38
N ASN A 214 -15.02 9.89 -48.56
CA ASN A 214 -14.24 10.90 -49.26
C ASN A 214 -14.28 10.76 -50.79
N LYS B 7 7.25 10.10 -3.95
CA LYS B 7 8.14 8.95 -3.57
C LYS B 7 9.63 9.36 -3.43
N GLU B 8 9.95 10.65 -3.64
CA GLU B 8 11.35 11.13 -3.71
C GLU B 8 12.03 11.41 -2.36
N LEU B 9 11.73 12.52 -1.65
CA LEU B 9 12.29 12.66 -0.28
C LEU B 9 11.58 11.74 0.73
N ARG B 10 12.34 10.84 1.31
CA ARG B 10 11.83 9.83 2.22
C ARG B 10 12.12 10.24 3.65
N VAL B 11 11.08 10.30 4.48
CA VAL B 11 11.20 10.68 5.88
C VAL B 11 10.80 9.55 6.86
N GLY B 12 11.60 9.37 7.92
CA GLY B 12 11.24 8.53 9.04
C GLY B 12 11.02 9.41 10.25
N VAL B 13 9.94 9.18 11.01
CA VAL B 13 9.61 10.01 12.17
C VAL B 13 9.66 9.23 13.46
N LEU B 14 10.39 9.77 14.42
CA LEU B 14 10.60 9.12 15.69
C LEU B 14 9.74 9.82 16.75
N ILE B 15 8.88 9.04 17.44
CA ILE B 15 7.92 9.55 18.44
C ILE B 15 7.97 8.78 19.77
N SER B 16 7.39 9.38 20.81
CA SER B 16 7.18 8.72 22.11
C SER B 16 5.79 8.91 22.73
N GLY B 17 5.00 9.87 22.24
CA GLY B 17 3.72 10.24 22.86
C GLY B 17 2.58 10.23 21.86
N ARG B 18 1.79 11.31 21.84
CA ARG B 18 0.50 11.34 21.15
C ARG B 18 0.64 11.60 19.66
N GLY B 19 1.78 12.16 19.26
CA GLY B 19 2.09 12.30 17.85
C GLY B 19 1.27 13.37 17.17
N SER B 20 1.12 14.51 17.83
CA SER B 20 0.40 15.66 17.29
C SER B 20 1.19 16.27 16.14
N ASN B 21 2.49 16.41 16.33
CA ASN B 21 3.38 16.86 15.23
C ASN B 21 3.44 15.86 14.07
N LEU B 22 3.50 14.56 14.37
CA LEU B 22 3.37 13.52 13.32
C LEU B 22 2.10 13.70 12.50
N GLU B 23 0.99 14.00 13.18
CA GLU B 23 -0.31 14.16 12.50
C GLU B 23 -0.27 15.33 11.52
N ALA B 24 0.28 16.45 11.97
CA ALA B 24 0.40 17.62 11.12
C ALA B 24 1.27 17.29 9.88
N LEU B 25 2.33 16.51 10.10
CA LEU B 25 3.18 16.10 8.97
C LEU B 25 2.41 15.14 8.06
N ALA B 26 1.81 14.12 8.64
CA ALA B 26 1.07 13.13 7.82
C ALA B 26 0.05 13.85 6.94
N LYS B 27 -0.76 14.73 7.54
CA LYS B 27 -1.80 15.48 6.84
C LYS B 27 -1.24 16.36 5.71
N ALA B 28 -0.15 17.05 5.98
CA ALA B 28 0.45 17.92 4.95
C ALA B 28 0.97 17.13 3.73
N PHE B 29 1.44 15.90 3.95
CA PHE B 29 2.10 15.13 2.88
C PHE B 29 1.28 13.95 2.35
N SER B 30 -0.04 14.01 2.53
CA SER B 30 -0.97 13.01 2.02
C SER B 30 -1.17 13.16 0.50
N THR B 31 -1.39 14.41 0.06
CA THR B 31 -1.48 14.80 -1.35
C THR B 31 -1.29 13.65 -2.33
N SER B 35 5.60 15.35 -2.97
CA SER B 35 7.05 15.24 -3.03
C SER B 35 7.61 14.34 -1.91
N VAL B 36 7.08 14.53 -0.70
CA VAL B 36 7.58 13.87 0.50
C VAL B 36 6.70 12.66 0.90
N VAL B 37 7.38 11.56 1.26
CA VAL B 37 6.73 10.34 1.75
C VAL B 37 7.23 10.03 3.18
N ILE B 38 6.32 9.89 4.14
CA ILE B 38 6.72 9.35 5.43
C ILE B 38 6.76 7.83 5.31
N SER B 39 7.96 7.31 5.20
CA SER B 39 8.14 5.90 4.90
C SER B 39 8.00 5.02 6.14
N CYS B 40 8.28 5.57 7.33
CA CYS B 40 8.10 4.81 8.59
C CYS B 40 7.99 5.70 9.83
N VAL B 41 7.43 5.14 10.90
CA VAL B 41 7.39 5.76 12.20
C VAL B 41 7.94 4.76 13.24
N ILE B 42 8.72 5.27 14.20
CA ILE B 42 9.41 4.47 15.19
C ILE B 42 9.22 5.10 16.60
N SER B 43 8.81 4.27 17.55
CA SER B 43 8.56 4.69 18.93
C SER B 43 9.42 3.89 19.88
N ASN B 44 9.84 4.53 20.95
CA ASN B 44 10.52 3.83 22.03
C ASN B 44 9.57 3.51 23.18
N ASN B 45 8.28 3.71 22.91
CA ASN B 45 7.17 3.50 23.85
C ASN B 45 6.05 2.69 23.13
N ALA B 46 5.76 1.47 23.61
CA ALA B 46 4.60 0.68 23.08
C ALA B 46 3.23 1.34 23.34
N GLU B 47 3.24 2.42 24.10
CA GLU B 47 2.04 3.12 24.56
C GLU B 47 1.75 4.39 23.74
N ALA B 48 2.61 4.70 22.78
CA ALA B 48 2.55 5.98 22.08
C ALA B 48 1.33 6.03 21.17
N ARG B 49 0.43 6.97 21.44
CA ARG B 49 -0.78 7.14 20.64
C ARG B 49 -0.49 7.50 19.19
N GLY B 50 0.58 8.24 18.96
CA GLY B 50 1.04 8.58 17.60
C GLY B 50 1.13 7.36 16.68
N LEU B 51 1.31 6.19 17.29
CA LEU B 51 1.35 4.94 16.56
C LEU B 51 0.05 4.68 15.83
N LEU B 52 -1.06 4.97 16.50
CA LEU B 52 -2.38 4.79 15.90
C LEU B 52 -2.66 5.84 14.82
N ILE B 53 -2.09 7.03 14.96
CA ILE B 53 -2.23 8.04 13.91
C ILE B 53 -1.53 7.51 12.68
N ALA B 54 -0.31 7.02 12.86
CA ALA B 54 0.49 6.59 11.76
C ALA B 54 -0.22 5.47 11.05
N GLN B 55 -0.75 4.50 11.83
CA GLN B 55 -1.40 3.34 11.25
C GLN B 55 -2.66 3.73 10.44
N SER B 56 -3.30 4.82 10.82
CA SER B 56 -4.51 5.28 10.11
C SER B 56 -4.13 6.01 8.81
N TYR B 57 -2.86 6.39 8.65
CA TYR B 57 -2.39 6.93 7.36
C TYR B 57 -1.68 5.90 6.47
N GLY B 58 -1.67 4.62 6.86
CA GLY B 58 -1.00 3.57 6.09
C GLY B 58 0.51 3.49 6.25
N ILE B 59 1.05 4.15 7.27
CA ILE B 59 2.49 4.19 7.52
C ILE B 59 2.92 3.04 8.42
N PRO B 60 3.90 2.22 7.99
CA PRO B 60 4.36 1.11 8.86
C PRO B 60 4.97 1.62 10.16
N THR B 61 4.66 0.95 11.27
CA THR B 61 5.14 1.33 12.58
C THR B 61 5.95 0.24 13.28
N PHE B 62 6.84 0.69 14.17
CA PHE B 62 7.83 -0.14 14.81
C PHE B 62 8.07 0.36 16.23
N VAL B 63 8.08 -0.56 17.17
CA VAL B 63 8.36 -0.25 18.55
C VAL B 63 9.73 -0.82 18.87
N VAL B 64 10.47 -0.08 19.67
CA VAL B 64 11.84 -0.43 19.99
C VAL B 64 12.05 -0.23 21.48
N LYS B 65 12.84 -1.10 22.10
CA LYS B 65 13.00 -1.06 23.53
C LYS B 65 13.89 0.08 24.00
N ARG B 66 13.62 0.56 25.20
CA ARG B 66 14.05 1.87 25.67
C ARG B 66 15.29 1.87 26.59
N LYS B 67 15.34 0.93 27.54
CA LYS B 67 16.45 0.87 28.48
C LYS B 67 17.30 -0.39 28.21
N PRO B 68 18.48 -0.23 27.58
CA PRO B 68 19.06 0.93 26.91
C PRO B 68 18.65 0.93 25.44
N LEU B 69 18.44 2.12 24.89
CA LEU B 69 17.84 2.27 23.57
C LEU B 69 18.42 1.31 22.52
N ASP B 70 17.53 0.58 21.83
CA ASP B 70 17.94 -0.37 20.81
C ASP B 70 18.23 0.35 19.50
N ILE B 71 19.32 1.11 19.49
CA ILE B 71 19.57 2.03 18.38
C ILE B 71 19.91 1.32 17.06
N GLU B 72 20.35 0.06 17.15
CA GLU B 72 20.66 -0.70 15.96
C GLU B 72 19.37 -1.16 15.27
N HIS B 73 18.36 -1.49 16.06
CA HIS B 73 17.08 -1.82 15.49
C HIS B 73 16.55 -0.57 14.80
N ILE B 74 16.65 0.56 15.46
CA ILE B 74 16.27 1.81 14.84
C ILE B 74 17.00 2.01 13.51
N SER B 75 18.31 1.87 13.51
CA SER B 75 19.08 2.11 12.27
C SER B 75 18.67 1.14 11.16
N THR B 76 18.40 -0.11 11.52
CA THR B 76 18.07 -1.10 10.52
C THR B 76 16.76 -0.72 9.83
N VAL B 77 15.77 -0.36 10.64
CA VAL B 77 14.45 0.03 10.11
C VAL B 77 14.57 1.26 9.21
N LEU B 78 15.36 2.24 9.63
CA LEU B 78 15.58 3.40 8.77
C LEU B 78 16.29 3.04 7.44
N ARG B 79 17.33 2.20 7.52
CA ARG B 79 18.06 1.82 6.32
C ARG B 79 17.10 1.08 5.38
N GLU B 80 16.34 0.13 5.92
CA GLU B 80 15.47 -0.71 5.11
C GLU B 80 14.28 0.04 4.51
N HIS B 81 13.90 1.20 5.06
CA HIS B 81 12.83 1.99 4.45
C HIS B 81 13.36 3.17 3.63
N ASP B 82 14.65 3.12 3.28
CA ASP B 82 15.31 4.13 2.47
C ASP B 82 15.09 5.58 2.97
N VAL B 83 15.18 5.80 4.27
CA VAL B 83 15.00 7.15 4.82
C VAL B 83 16.19 8.06 4.50
N ASP B 84 15.89 9.23 3.92
CA ASP B 84 16.83 10.32 3.67
C ASP B 84 16.90 11.32 4.85
N LEU B 85 15.79 11.46 5.60
CA LEU B 85 15.69 12.48 6.66
C LEU B 85 14.96 11.90 7.85
N VAL B 86 15.58 12.04 9.02
CA VAL B 86 15.03 11.58 10.28
C VAL B 86 14.43 12.79 11.01
N CYS B 87 13.15 12.67 11.36
CA CYS B 87 12.42 13.75 12.02
C CYS B 87 12.04 13.32 13.42
N LEU B 88 12.56 14.02 14.42
CA LEU B 88 12.19 13.76 15.81
C LEU B 88 11.00 14.63 16.11
N ALA B 89 9.96 13.99 16.62
CA ALA B 89 8.69 14.63 16.89
C ALA B 89 8.19 14.15 18.25
N GLY B 90 8.85 14.68 19.29
CA GLY B 90 8.55 14.34 20.69
C GLY B 90 9.17 13.01 21.12
N PHE B 91 10.23 12.60 20.44
CA PHE B 91 11.00 11.41 20.84
C PHE B 91 11.75 11.75 22.14
N MET B 92 11.57 10.94 23.18
CA MET B 92 12.14 11.18 24.50
C MET B 92 13.21 10.15 24.89
N SER B 93 14.42 10.37 24.44
CA SER B 93 15.57 9.51 24.74
C SER B 93 16.76 10.31 24.26
N ILE B 94 17.89 10.25 24.96
CA ILE B 94 19.10 10.92 24.47
C ILE B 94 19.91 10.03 23.51
N LEU B 95 19.83 10.34 22.22
CA LEU B 95 20.52 9.58 21.17
C LEU B 95 22.02 9.51 21.46
N PRO B 96 22.64 8.35 21.30
CA PRO B 96 24.09 8.23 21.39
C PRO B 96 24.91 8.90 20.27
N GLU B 97 26.11 9.34 20.66
CA GLU B 97 27.03 10.04 19.78
C GLU B 97 27.15 9.42 18.40
N LYS B 98 27.18 8.09 18.34
CA LYS B 98 27.38 7.40 17.07
C LYS B 98 26.20 7.58 16.11
N PHE B 99 24.99 7.45 16.62
CA PHE B 99 23.83 7.65 15.78
C PHE B 99 23.78 9.08 15.24
N VAL B 100 24.04 10.04 16.12
CA VAL B 100 24.06 11.45 15.74
C VAL B 100 25.13 11.72 14.71
N THR B 101 26.34 11.22 14.95
CA THR B 101 27.44 11.27 13.97
C THR B 101 27.04 10.71 12.61
N ASP B 102 26.56 9.47 12.62
CA ASP B 102 26.20 8.77 11.39
C ASP B 102 25.15 9.48 10.54
N TRP B 103 24.18 10.13 11.19
CA TRP B 103 23.11 10.81 10.49
C TRP B 103 23.30 12.33 10.48
N HIS B 104 24.55 12.79 10.46
CA HIS B 104 24.86 14.22 10.50
C HIS B 104 24.31 14.96 9.27
N HIS B 105 23.67 16.11 9.49
CA HIS B 105 22.94 16.86 8.47
C HIS B 105 21.65 16.17 8.01
N LYS B 106 21.28 15.07 8.65
CA LYS B 106 20.08 14.32 8.26
C LYS B 106 19.06 14.04 9.40
N ILE B 107 19.29 14.56 10.61
CA ILE B 107 18.30 14.50 11.71
C ILE B 107 17.91 15.92 12.09
N ILE B 108 16.62 16.17 12.18
CA ILE B 108 16.11 17.45 12.62
C ILE B 108 15.16 17.20 13.80
N ASN B 109 14.83 18.27 14.49
CA ASN B 109 14.01 18.24 15.67
C ASN B 109 13.20 19.51 15.72
N ILE B 110 11.99 19.43 16.26
CA ILE B 110 11.20 20.64 16.54
C ILE B 110 11.21 20.86 18.04
N HIS B 111 11.55 22.06 18.50
CA HIS B 111 11.69 22.35 19.93
C HIS B 111 10.83 23.57 20.34
N PRO B 112 10.10 23.46 21.44
CA PRO B 112 9.07 24.45 21.78
C PRO B 112 9.55 25.69 22.57
N SER B 113 10.56 26.36 22.01
CA SER B 113 11.01 27.68 22.43
C SER B 113 11.81 28.32 21.29
N LEU B 114 12.06 29.61 21.45
CA LEU B 114 12.95 30.40 20.63
C LEU B 114 14.36 30.20 21.13
N LEU B 115 15.01 29.17 20.62
CA LEU B 115 16.39 28.85 20.95
C LEU B 115 17.27 30.07 20.59
N PRO B 116 18.39 30.27 21.32
CA PRO B 116 18.97 29.36 22.29
C PRO B 116 18.36 29.40 23.68
N SER B 117 17.32 30.21 23.92
CA SER B 117 16.74 30.24 25.26
C SER B 117 15.90 28.98 25.58
N PHE B 118 15.90 28.62 26.86
CA PHE B 118 15.10 27.51 27.38
C PHE B 118 15.34 26.20 26.64
N LYS B 119 16.59 25.73 26.73
CA LYS B 119 16.97 24.42 26.21
C LYS B 119 16.44 23.35 27.18
N GLY B 120 16.19 22.16 26.64
CA GLY B 120 15.85 21.01 27.48
C GLY B 120 14.37 20.75 27.65
N LEU B 121 14.06 19.99 28.69
CA LEU B 121 12.68 19.60 28.99
C LEU B 121 11.82 20.77 29.47
N ASN B 122 10.53 20.69 29.12
CA ASN B 122 9.48 21.59 29.65
C ASN B 122 9.78 23.05 29.27
N ALA B 123 10.22 23.24 28.02
CA ALA B 123 10.60 24.56 27.54
C ALA B 123 9.49 25.58 27.78
N GLN B 124 8.24 25.16 27.61
CA GLN B 124 7.08 26.03 27.68
C GLN B 124 6.85 26.52 29.09
N GLU B 125 7.02 25.61 30.04
CA GLU B 125 7.01 25.96 31.48
C GLU B 125 8.10 26.98 31.81
N GLN B 126 9.29 26.79 31.26
CA GLN B 126 10.42 27.64 31.60
C GLN B 126 10.14 29.08 31.20
N ALA B 127 9.59 29.21 30.00
CA ALA B 127 9.27 30.47 29.36
C ALA B 127 8.20 31.19 30.12
N TYR B 128 7.16 30.44 30.47
CA TYR B 128 6.07 30.92 31.32
C TYR B 128 6.61 31.50 32.61
N LYS B 129 7.42 30.72 33.34
CA LYS B 129 7.91 31.19 34.65
C LYS B 129 8.97 32.28 34.52
N ALA B 130 9.61 32.42 33.35
CA ALA B 130 10.58 33.49 33.12
C ALA B 130 9.89 34.83 32.83
N GLY B 131 8.59 34.80 32.52
CA GLY B 131 7.82 36.00 32.24
C GLY B 131 8.13 36.69 30.93
N VAL B 132 8.64 35.94 29.95
CA VAL B 132 8.83 36.49 28.62
C VAL B 132 7.48 36.88 28.04
N LYS B 133 7.48 37.85 27.14
CA LYS B 133 6.25 38.31 26.52
C LYS B 133 6.07 37.73 25.11
N ILE B 134 7.12 37.10 24.58
CA ILE B 134 7.09 36.45 23.27
C ILE B 134 7.72 35.08 23.43
N ALA B 135 7.11 34.07 22.80
CA ALA B 135 7.60 32.69 22.84
C ALA B 135 7.54 32.10 21.44
N GLY B 136 7.78 30.79 21.29
CA GLY B 136 7.76 30.19 19.95
C GLY B 136 8.35 28.80 19.84
N CYS B 137 8.57 28.35 18.60
CA CYS B 137 9.30 27.12 18.39
C CYS B 137 10.45 27.30 17.41
N THR B 138 11.32 26.30 17.39
CA THR B 138 12.54 26.31 16.61
C THR B 138 12.75 24.94 15.98
N LEU B 139 12.84 24.92 14.65
CA LEU B 139 13.25 23.73 13.91
C LEU B 139 14.77 23.79 13.69
N HIS B 140 15.49 22.75 14.09
CA HIS B 140 16.95 22.76 13.99
C HIS B 140 17.52 21.40 13.66
N TYR B 141 18.74 21.38 13.14
CA TYR B 141 19.47 20.12 12.95
C TYR B 141 19.92 19.66 14.30
N VAL B 142 19.92 18.34 14.50
CA VAL B 142 20.35 17.74 15.76
C VAL B 142 21.84 17.49 15.67
N TYR B 143 22.61 18.20 16.51
CA TYR B 143 24.07 18.03 16.60
C TYR B 143 24.35 17.34 17.91
N GLN B 144 25.60 17.31 18.37
CA GLN B 144 25.90 16.55 19.57
C GLN B 144 25.50 17.26 20.86
N GLU B 145 25.54 18.59 20.89
CA GLU B 145 25.06 19.31 22.07
C GLU B 145 23.55 19.38 22.01
N LEU B 146 22.87 18.95 23.05
CA LEU B 146 21.41 19.00 23.09
C LEU B 146 20.87 20.39 22.74
N ASP B 147 19.92 20.43 21.83
CA ASP B 147 19.22 21.67 21.49
C ASP B 147 20.11 22.83 20.99
N ALA B 148 21.32 22.53 20.50
CA ALA B 148 22.24 23.58 20.04
C ALA B 148 22.69 23.51 18.58
N GLY B 149 22.23 22.52 17.81
CA GLY B 149 22.52 22.47 16.37
C GLY B 149 21.99 23.64 15.51
N PRO B 150 22.48 23.75 14.27
CA PRO B 150 22.14 24.97 13.54
C PRO B 150 20.64 25.13 13.33
N ILE B 151 20.15 26.36 13.45
CA ILE B 151 18.72 26.65 13.43
C ILE B 151 18.20 26.69 11.99
N ILE B 152 17.06 26.06 11.71
CA ILE B 152 16.50 26.04 10.35
C ILE B 152 15.36 27.06 10.13
N MET B 153 14.35 26.99 10.98
CA MET B 153 13.17 27.86 10.94
C MET B 153 12.76 28.29 12.38
N GLN B 154 12.19 29.49 12.54
CA GLN B 154 11.61 29.85 13.84
C GLN B 154 10.26 30.55 13.66
N ALA B 155 9.33 30.26 14.55
CA ALA B 155 8.00 30.87 14.54
C ALA B 155 7.77 31.47 15.90
N ALA B 156 7.28 32.71 15.95
CA ALA B 156 7.04 33.41 17.22
C ALA B 156 5.55 33.54 17.50
N VAL B 157 5.26 33.63 18.81
CA VAL B 157 3.93 33.52 19.39
C VAL B 157 3.91 34.47 20.58
N PRO B 158 2.78 35.16 20.80
CA PRO B 158 2.69 36.03 21.95
C PRO B 158 2.40 35.25 23.19
N VAL B 159 2.68 35.85 24.33
CA VAL B 159 2.27 35.33 25.62
C VAL B 159 1.28 36.32 26.17
N LEU B 160 0.06 35.87 26.40
CA LEU B 160 -1.04 36.76 26.74
C LEU B 160 -1.23 36.92 28.25
N ARG B 161 -1.85 38.03 28.66
CA ARG B 161 -2.10 38.28 30.07
C ARG B 161 -2.80 37.07 30.71
N GLU B 162 -3.83 36.57 30.04
CA GLU B 162 -4.66 35.48 30.60
C GLU B 162 -4.04 34.07 30.55
N ASP B 163 -2.84 33.90 29.99
CA ASP B 163 -2.26 32.55 29.74
C ASP B 163 -1.83 31.81 31.02
N THR B 164 -1.99 30.48 30.99
CA THR B 164 -1.32 29.56 31.91
C THR B 164 -0.26 28.87 31.08
N ALA B 165 0.65 28.15 31.74
CA ALA B 165 1.66 27.35 31.03
C ALA B 165 1.10 26.48 29.91
N GLU B 166 -0.06 25.85 30.14
CA GLU B 166 -0.63 24.91 29.15
C GLU B 166 -1.37 25.65 28.01
N SER B 167 -1.93 26.80 28.32
CA SER B 167 -2.55 27.66 27.31
C SER B 167 -1.52 28.08 26.28
N LEU B 168 -0.34 28.47 26.76
CA LEU B 168 0.79 28.90 25.92
C LEU B 168 1.35 27.74 25.10
N ALA B 169 1.52 26.59 25.74
CA ALA B 169 1.98 25.37 25.06
C ALA B 169 1.12 25.04 23.86
N SER B 170 -0.18 25.24 24.00
CA SER B 170 -1.12 24.99 22.88
C SER B 170 -0.86 25.92 21.71
N ARG B 171 -0.56 27.19 22.00
CA ARG B 171 -0.31 28.17 20.95
C ARG B 171 1.04 27.88 20.30
N ILE B 172 2.04 27.54 21.12
CA ILE B 172 3.31 27.08 20.57
C ILE B 172 3.09 25.84 19.68
N LEU B 173 2.47 24.79 20.25
CA LEU B 173 2.12 23.53 19.51
C LEU B 173 1.44 23.83 18.16
N ALA B 174 0.49 24.77 18.18
CA ALA B 174 -0.20 25.20 16.94
C ALA B 174 0.79 25.77 15.92
N ALA B 175 1.76 26.55 16.41
CA ALA B 175 2.77 27.13 15.58
C ALA B 175 3.68 26.04 14.98
N GLU B 176 3.97 25.01 15.77
CA GLU B 176 4.80 23.89 15.32
C GLU B 176 4.19 23.16 14.13
N HIS B 177 2.85 23.03 14.12
CA HIS B 177 2.09 22.36 13.04
C HIS B 177 2.22 23.02 11.67
N VAL B 178 2.50 24.32 11.69
CA VAL B 178 2.78 25.09 10.49
C VAL B 178 4.25 24.99 10.17
N CYS B 179 5.05 25.13 11.21
CA CYS B 179 6.52 25.20 11.08
C CYS B 179 7.21 23.91 10.57
N TYR B 180 6.81 22.77 11.11
CA TYR B 180 7.49 21.51 10.81
C TYR B 180 7.30 21.06 9.34
N PRO B 181 6.07 21.13 8.81
CA PRO B 181 5.92 20.73 7.40
C PRO B 181 6.58 21.70 6.46
N LYS B 182 6.30 22.99 6.62
CA LYS B 182 6.95 23.98 5.81
C LYS B 182 8.45 23.71 5.77
N GLY B 183 9.05 23.42 6.91
CA GLY B 183 10.50 23.14 6.96
C GLY B 183 10.89 21.92 6.14
N VAL B 184 10.09 20.86 6.26
CA VAL B 184 10.43 19.63 5.57
C VAL B 184 10.27 19.86 4.08
N LYS B 185 9.19 20.54 3.70
CA LYS B 185 8.96 20.97 2.31
C LYS B 185 10.20 21.60 1.69
N LEU B 186 10.84 22.49 2.44
CA LEU B 186 11.96 23.25 1.92
C LEU B 186 13.20 22.38 1.73
N ILE B 187 13.41 21.44 2.66
CA ILE B 187 14.48 20.47 2.50
C ILE B 187 14.23 19.59 1.29
N ALA B 188 12.99 19.13 1.15
CA ALA B 188 12.60 18.30 0.01
C ALA B 188 12.81 18.98 -1.34
N GLN B 189 12.69 20.31 -1.37
CA GLN B 189 12.92 21.06 -2.61
C GLN B 189 14.38 21.57 -2.75
N ASP B 190 15.29 21.09 -1.89
CA ASP B 190 16.73 21.41 -1.95
C ASP B 190 17.00 22.92 -1.84
N LYS B 191 16.19 23.58 -1.01
CA LYS B 191 16.32 25.01 -0.78
C LYS B 191 17.11 25.33 0.49
N ILE B 192 17.33 24.35 1.36
CA ILE B 192 18.05 24.59 2.62
C ILE B 192 19.54 24.26 2.42
N LYS B 193 20.40 25.23 2.74
CA LYS B 193 21.84 25.08 2.60
C LYS B 193 22.53 25.53 3.87
N LEU B 194 23.47 24.72 4.36
CA LEU B 194 24.35 25.16 5.44
C LEU B 194 25.42 26.02 4.82
N CYS B 195 25.98 26.92 5.62
CA CYS B 195 27.04 27.82 5.14
C CYS B 195 28.28 27.60 5.99
N ASP B 196 29.44 28.01 5.47
CA ASP B 196 30.70 27.84 6.18
C ASP B 196 30.66 28.47 7.58
N ASP B 197 29.87 29.52 7.75
CA ASP B 197 29.76 30.16 9.05
C ASP B 197 28.89 29.39 10.02
N GLY B 198 28.35 28.25 9.58
CA GLY B 198 27.48 27.44 10.43
C GLY B 198 26.00 27.81 10.49
N THR B 199 25.59 28.85 9.76
CA THR B 199 24.17 29.19 9.72
C THR B 199 23.48 28.54 8.56
N VAL B 200 22.16 28.49 8.63
CA VAL B 200 21.34 27.88 7.60
C VAL B 200 20.59 28.98 6.83
N GLN B 201 20.60 28.88 5.50
CA GLN B 201 19.93 29.87 4.64
C GLN B 201 19.06 29.20 3.58
N CYS B 202 18.04 29.93 3.14
CA CYS B 202 17.10 29.45 2.12
C CYS B 202 17.37 30.12 0.78
N THR B 203 17.53 29.31 -0.27
CA THR B 203 17.83 29.81 -1.61
C THR B 203 16.58 30.16 -2.45
N GLY B 204 15.39 29.82 -1.94
CA GLY B 204 14.13 30.18 -2.60
C GLY B 204 13.58 31.53 -2.13
N GLU B 205 12.35 31.83 -2.53
CA GLU B 205 11.69 33.08 -2.13
C GLU B 205 11.32 33.04 -0.65
N ASP B 206 11.01 31.84 -0.18
CA ASP B 206 10.51 31.57 1.16
C ASP B 206 11.43 32.11 2.26
N GLU B 207 10.84 32.68 3.30
CA GLU B 207 11.63 33.17 4.41
C GLU B 207 11.63 32.11 5.53
N LEU B 208 12.63 32.11 6.40
CA LEU B 208 12.71 31.12 7.49
C LEU B 208 12.12 31.59 8.82
N PHE B 209 11.31 32.65 8.79
CA PHE B 209 10.65 33.10 10.00
C PHE B 209 9.15 33.10 9.80
N LEU B 210 8.41 32.90 10.88
CA LEU B 210 6.96 33.03 10.87
C LEU B 210 6.49 33.82 12.09
N PHE B 211 5.49 34.68 11.89
CA PHE B 211 4.80 35.30 13.00
C PHE B 211 3.34 34.86 13.07
N GLN B 212 3.00 34.13 14.14
CA GLN B 212 1.63 33.64 14.40
C GLN B 212 0.93 34.43 15.50
N GLU B 213 -0.26 34.97 15.20
CA GLU B 213 -1.14 35.64 16.19
C GLU B 213 -2.50 34.93 16.31
N LYS C 7 17.85 -17.84 7.75
CA LYS C 7 16.40 -18.04 7.40
C LYS C 7 15.74 -16.70 7.09
N GLU C 8 16.34 -15.93 6.16
CA GLU C 8 16.12 -14.45 6.04
C GLU C 8 15.25 -13.88 4.87
N LEU C 9 15.35 -14.35 3.64
CA LEU C 9 14.32 -13.97 2.66
C LEU C 9 13.07 -14.85 2.86
N ARG C 10 11.96 -14.21 3.20
CA ARG C 10 10.70 -14.88 3.44
C ARG C 10 9.81 -14.81 2.17
N VAL C 11 9.42 -15.98 1.69
CA VAL C 11 8.68 -16.11 0.46
C VAL C 11 7.29 -16.70 0.68
N GLY C 12 6.26 -16.08 0.07
CA GLY C 12 4.92 -16.66 -0.06
C GLY C 12 4.70 -17.19 -1.49
N VAL C 13 4.22 -18.42 -1.63
CA VAL C 13 4.05 -19.00 -2.95
C VAL C 13 2.57 -19.17 -3.21
N LEU C 14 2.12 -18.64 -4.37
CA LEU C 14 0.73 -18.71 -4.81
C LEU C 14 0.64 -19.77 -5.94
N ILE C 15 -0.31 -20.69 -5.80
CA ILE C 15 -0.48 -21.84 -6.68
C ILE C 15 -1.95 -22.06 -7.06
N SER C 16 -2.16 -22.83 -8.12
CA SER C 16 -3.49 -23.31 -8.49
C SER C 16 -3.56 -24.80 -8.82
N GLY C 17 -2.41 -25.42 -9.13
CA GLY C 17 -2.42 -26.80 -9.63
C GLY C 17 -1.61 -27.76 -8.79
N ARG C 18 -0.86 -28.64 -9.46
CA ARG C 18 -0.12 -29.72 -8.81
C ARG C 18 1.13 -29.28 -8.03
N GLY C 19 1.60 -28.06 -8.19
CA GLY C 19 2.68 -27.55 -7.35
C GLY C 19 4.10 -28.01 -7.71
N SER C 20 4.31 -28.32 -8.98
CA SER C 20 5.59 -28.80 -9.48
C SER C 20 6.72 -27.77 -9.23
N ASN C 21 6.48 -26.52 -9.60
CA ASN C 21 7.47 -25.47 -9.35
C ASN C 21 7.63 -25.18 -7.84
N LEU C 22 6.53 -25.26 -7.08
CA LEU C 22 6.59 -25.18 -5.63
C LEU C 22 7.51 -26.25 -5.09
N GLU C 23 7.37 -27.50 -5.58
CA GLU C 23 8.22 -28.61 -5.12
C GLU C 23 9.68 -28.31 -5.40
N ALA C 24 9.99 -27.85 -6.61
CA ALA C 24 11.38 -27.50 -6.93
C ALA C 24 11.90 -26.39 -5.97
N LEU C 25 11.08 -25.39 -5.67
CA LEU C 25 11.51 -24.32 -4.76
C LEU C 25 11.70 -24.84 -3.32
N ALA C 26 10.76 -25.61 -2.81
CA ALA C 26 10.85 -26.12 -1.45
C ALA C 26 12.02 -27.06 -1.26
N LYS C 27 12.29 -27.92 -2.25
CA LYS C 27 13.48 -28.77 -2.22
C LYS C 27 14.79 -27.96 -2.24
N ALA C 28 14.83 -26.94 -3.09
CA ALA C 28 15.99 -26.07 -3.20
C ALA C 28 16.31 -25.30 -1.91
N PHE C 29 15.28 -24.87 -1.20
CA PHE C 29 15.46 -24.05 -0.01
C PHE C 29 15.33 -24.78 1.36
N SER C 30 15.07 -26.09 1.35
CA SER C 30 14.95 -26.85 2.61
C SER C 30 16.32 -27.14 3.27
N THR C 31 17.40 -27.10 2.49
CA THR C 31 18.77 -27.34 3.01
C THR C 31 19.11 -26.51 4.26
N GLU C 32 19.83 -27.11 5.21
CA GLU C 32 19.98 -26.50 6.56
C GLU C 32 20.69 -25.15 6.52
N GLU C 33 21.45 -24.91 5.44
CA GLU C 33 22.18 -23.66 5.24
C GLU C 33 21.54 -22.71 4.21
N SER C 34 20.22 -22.75 4.06
CA SER C 34 19.55 -21.95 3.04
C SER C 34 19.22 -20.53 3.53
N SER C 35 19.37 -19.57 2.62
CA SER C 35 19.07 -18.18 2.93
C SER C 35 17.57 -17.87 2.83
N VAL C 36 16.81 -18.74 2.16
CA VAL C 36 15.41 -18.49 1.82
C VAL C 36 14.48 -19.38 2.65
N VAL C 37 13.39 -18.81 3.17
CA VAL C 37 12.34 -19.57 3.86
C VAL C 37 11.01 -19.40 3.15
N ILE C 38 10.30 -20.49 2.89
CA ILE C 38 8.96 -20.39 2.31
C ILE C 38 7.96 -20.34 3.43
N SER C 39 7.29 -19.20 3.58
CA SER C 39 6.57 -18.92 4.80
C SER C 39 5.13 -19.40 4.83
N CYS C 40 4.53 -19.45 3.65
CA CYS C 40 3.14 -19.84 3.49
C CYS C 40 2.93 -20.21 2.03
N VAL C 41 1.85 -20.92 1.78
CA VAL C 41 1.45 -21.29 0.45
C VAL C 41 -0.05 -21.03 0.40
N ILE C 42 -0.48 -20.39 -0.69
CA ILE C 42 -1.86 -19.94 -0.87
C ILE C 42 -2.39 -20.41 -2.23
N SER C 43 -3.53 -21.12 -2.21
CA SER C 43 -4.18 -21.57 -3.45
C SER C 43 -5.53 -20.91 -3.61
N ASN C 44 -5.88 -20.63 -4.86
CA ASN C 44 -7.21 -20.16 -5.17
C ASN C 44 -8.08 -21.35 -5.50
N ASN C 45 -7.65 -22.56 -5.12
CA ASN C 45 -8.30 -23.81 -5.55
C ASN C 45 -8.26 -24.83 -4.39
N ALA C 46 -9.42 -25.27 -3.93
CA ALA C 46 -9.47 -26.27 -2.85
C ALA C 46 -8.99 -27.67 -3.27
N GLU C 47 -8.75 -27.89 -4.56
CA GLU C 47 -8.26 -29.18 -5.07
C GLU C 47 -6.82 -29.16 -5.62
N ALA C 48 -6.08 -28.08 -5.44
CA ALA C 48 -4.71 -28.01 -5.90
C ALA C 48 -3.82 -28.96 -5.11
N ARG C 49 -3.32 -29.99 -5.80
CA ARG C 49 -2.40 -30.97 -5.22
C ARG C 49 -1.12 -30.37 -4.65
N GLY C 50 -0.71 -29.21 -5.15
CA GLY C 50 0.44 -28.48 -4.58
C GLY C 50 0.24 -28.21 -3.09
N LEU C 51 -1.01 -28.17 -2.65
CA LEU C 51 -1.34 -27.98 -1.24
C LEU C 51 -0.77 -29.13 -0.39
N LEU C 52 -0.83 -30.35 -0.90
CA LEU C 52 -0.27 -31.50 -0.17
C LEU C 52 1.25 -31.50 -0.19
N ILE C 53 1.85 -30.98 -1.25
CA ILE C 53 3.31 -30.83 -1.29
C ILE C 53 3.76 -29.86 -0.18
N ALA C 54 3.04 -28.76 -0.02
CA ALA C 54 3.41 -27.74 0.94
C ALA C 54 3.37 -28.30 2.37
N GLN C 55 2.31 -29.04 2.67
CA GLN C 55 2.11 -29.63 3.96
C GLN C 55 3.19 -30.68 4.27
N SER C 56 3.66 -31.43 3.25
CA SER C 56 4.73 -32.42 3.49
C SER C 56 6.04 -31.73 3.92
N TYR C 57 6.20 -30.47 3.54
CA TYR C 57 7.35 -29.68 3.98
C TYR C 57 7.09 -28.88 5.27
N GLY C 58 5.95 -29.12 5.92
CA GLY C 58 5.58 -28.35 7.12
C GLY C 58 5.26 -26.86 6.87
N ILE C 59 4.92 -26.51 5.62
CA ILE C 59 4.57 -25.12 5.25
C ILE C 59 3.05 -24.84 5.40
N PRO C 60 2.68 -23.76 6.13
CA PRO C 60 1.24 -23.56 6.30
C PRO C 60 0.58 -23.22 4.98
N THR C 61 -0.66 -23.68 4.81
CA THR C 61 -1.36 -23.54 3.57
C THR C 61 -2.69 -22.90 3.79
N PHE C 62 -3.15 -22.21 2.74
CA PHE C 62 -4.37 -21.42 2.82
C PHE C 62 -5.08 -21.49 1.47
N VAL C 63 -6.42 -21.52 1.51
CA VAL C 63 -7.24 -21.56 0.32
C VAL C 63 -8.15 -20.33 0.37
N VAL C 64 -8.16 -19.56 -0.73
CA VAL C 64 -8.97 -18.35 -0.83
C VAL C 64 -10.01 -18.47 -1.96
N LYS C 65 -11.10 -17.70 -1.84
CA LYS C 65 -12.14 -17.68 -2.86
C LYS C 65 -11.60 -17.17 -4.20
N ARG C 66 -12.16 -17.72 -5.27
CA ARG C 66 -11.61 -17.59 -6.61
C ARG C 66 -12.23 -16.50 -7.46
N LYS C 67 -13.57 -16.38 -7.48
CA LYS C 67 -14.23 -15.42 -8.39
C LYS C 67 -15.31 -14.63 -7.70
N PRO C 68 -15.01 -13.39 -7.31
CA PRO C 68 -13.74 -12.68 -7.49
C PRO C 68 -12.66 -13.18 -6.53
N LEU C 69 -11.42 -13.09 -6.99
CA LEU C 69 -10.26 -13.39 -6.19
C LEU C 69 -10.31 -12.58 -4.91
N ASP C 70 -10.25 -13.27 -3.78
CA ASP C 70 -10.30 -12.62 -2.45
C ASP C 70 -8.91 -12.05 -2.11
N ILE C 71 -8.60 -10.89 -2.65
CA ILE C 71 -7.26 -10.36 -2.56
C ILE C 71 -6.90 -9.92 -1.14
N GLU C 72 -7.88 -9.44 -0.38
CA GLU C 72 -7.58 -8.97 0.97
C GLU C 72 -7.25 -10.15 1.88
N HIS C 73 -7.93 -11.28 1.69
CA HIS C 73 -7.59 -12.49 2.42
C HIS C 73 -6.15 -12.86 2.05
N ILE C 74 -5.83 -12.81 0.77
CA ILE C 74 -4.47 -13.08 0.33
C ILE C 74 -3.42 -12.18 1.01
N SER C 75 -3.62 -10.86 0.95
CA SER C 75 -2.67 -9.94 1.55
C SER C 75 -2.54 -10.08 3.07
N THR C 76 -3.65 -10.41 3.75
CA THR C 76 -3.63 -10.62 5.20
C THR C 76 -2.78 -11.84 5.56
N VAL C 77 -2.99 -12.95 4.88
CA VAL C 77 -2.13 -14.12 5.04
C VAL C 77 -0.63 -13.76 4.85
N LEU C 78 -0.32 -13.08 3.77
CA LEU C 78 1.07 -12.71 3.44
C LEU C 78 1.66 -11.81 4.52
N ARG C 79 0.93 -10.79 4.93
CA ARG C 79 1.46 -9.91 6.00
C ARG C 79 1.71 -10.64 7.33
N GLU C 80 0.81 -11.54 7.70
CA GLU C 80 0.94 -12.25 8.97
C GLU C 80 1.99 -13.32 8.93
N HIS C 81 2.48 -13.69 7.73
CA HIS C 81 3.62 -14.59 7.64
C HIS C 81 4.90 -13.86 7.21
N ASP C 82 4.88 -12.53 7.35
CA ASP C 82 6.08 -11.68 7.22
C ASP C 82 6.73 -11.81 5.82
N VAL C 83 5.93 -11.94 4.78
CA VAL C 83 6.46 -12.21 3.45
C VAL C 83 7.21 -10.99 2.87
N ASP C 84 8.41 -11.22 2.34
CA ASP C 84 9.19 -10.22 1.60
C ASP C 84 8.98 -10.34 0.09
N LEU C 85 8.71 -11.55 -0.41
CA LEU C 85 8.61 -11.77 -1.86
C LEU C 85 7.48 -12.72 -2.18
N VAL C 86 6.56 -12.28 -3.04
CA VAL C 86 5.39 -13.04 -3.44
C VAL C 86 5.69 -13.75 -4.75
N CYS C 87 5.70 -15.07 -4.75
CA CYS C 87 6.10 -15.82 -5.95
C CYS C 87 4.92 -16.57 -6.55
N LEU C 88 4.48 -16.20 -7.74
CA LEU C 88 3.40 -16.98 -8.38
C LEU C 88 4.02 -18.18 -9.07
N ALA C 89 3.43 -19.35 -8.83
CA ALA C 89 3.94 -20.60 -9.36
C ALA C 89 2.75 -21.41 -9.84
N GLY C 90 2.29 -21.11 -11.06
CA GLY C 90 1.09 -21.73 -11.67
C GLY C 90 -0.20 -21.18 -11.09
N PHE C 91 -0.17 -19.92 -10.65
CA PHE C 91 -1.35 -19.31 -10.02
C PHE C 91 -2.22 -18.86 -11.16
N MET C 92 -3.45 -19.35 -11.22
CA MET C 92 -4.33 -19.00 -12.34
C MET C 92 -5.43 -18.09 -11.80
N SER C 93 -5.09 -16.81 -11.69
CA SER C 93 -6.09 -15.76 -11.50
C SER C 93 -5.41 -14.48 -11.94
N ILE C 94 -6.04 -13.72 -12.84
CA ILE C 94 -5.68 -12.32 -13.05
C ILE C 94 -5.58 -11.61 -11.70
N LEU C 95 -4.47 -10.91 -11.49
CA LEU C 95 -4.26 -10.16 -10.27
C LEU C 95 -4.80 -8.74 -10.41
N PRO C 96 -5.79 -8.36 -9.57
CA PRO C 96 -6.37 -7.03 -9.69
C PRO C 96 -5.36 -5.94 -9.42
N GLU C 97 -5.51 -4.82 -10.08
CA GLU C 97 -4.50 -3.75 -9.99
C GLU C 97 -4.22 -3.32 -8.54
N LYS C 98 -5.21 -3.38 -7.64
CA LYS C 98 -4.97 -2.98 -6.24
C LYS C 98 -3.95 -3.90 -5.58
N PHE C 99 -4.13 -5.20 -5.74
CA PHE C 99 -3.15 -6.17 -5.26
C PHE C 99 -1.76 -5.85 -5.79
N VAL C 100 -1.62 -5.64 -7.10
CA VAL C 100 -0.30 -5.35 -7.69
C VAL C 100 0.33 -4.04 -7.16
N THR C 101 -0.51 -3.10 -6.75
CA THR C 101 -0.06 -1.85 -6.08
C THR C 101 0.38 -2.14 -4.63
N ASP C 102 -0.47 -2.86 -3.93
CA ASP C 102 -0.24 -3.19 -2.53
C ASP C 102 1.10 -3.92 -2.30
N TRP C 103 1.49 -4.79 -3.25
CA TRP C 103 2.80 -5.49 -3.27
C TRP C 103 3.75 -4.97 -4.37
N HIS C 104 3.76 -3.66 -4.55
CA HIS C 104 4.66 -2.92 -5.45
C HIS C 104 6.09 -3.47 -5.45
N HIS C 105 6.52 -4.02 -6.60
CA HIS C 105 7.91 -4.51 -6.82
C HIS C 105 8.28 -5.77 -6.01
N LYS C 106 7.30 -6.36 -5.35
CA LYS C 106 7.54 -7.50 -4.48
C LYS C 106 6.88 -8.80 -4.99
N ILE C 107 6.41 -8.83 -6.24
CA ILE C 107 5.83 -10.02 -6.88
C ILE C 107 6.61 -10.43 -8.13
N ILE C 108 6.93 -11.73 -8.25
CA ILE C 108 7.50 -12.30 -9.48
C ILE C 108 6.64 -13.47 -9.97
N ASN C 109 6.81 -13.83 -11.24
CA ASN C 109 6.02 -14.85 -11.90
C ASN C 109 6.91 -15.61 -12.87
N ILE C 110 6.67 -16.91 -13.01
CA ILE C 110 7.33 -17.74 -14.04
C ILE C 110 6.34 -18.01 -15.16
N HIS C 111 6.64 -17.51 -16.36
CA HIS C 111 5.76 -17.71 -17.52
C HIS C 111 6.42 -18.70 -18.50
N PRO C 112 5.64 -19.65 -19.06
CA PRO C 112 6.22 -20.71 -19.85
C PRO C 112 6.36 -20.35 -21.34
N SER C 113 6.99 -19.21 -21.59
CA SER C 113 7.45 -18.83 -22.92
C SER C 113 8.61 -17.88 -22.81
N LEU C 114 9.25 -17.64 -23.96
CA LEU C 114 10.22 -16.57 -24.14
C LEU C 114 9.49 -15.28 -24.45
N LEU C 115 9.09 -14.58 -23.40
CA LEU C 115 8.48 -13.29 -23.56
C LEU C 115 9.43 -12.36 -24.34
N PRO C 116 8.87 -11.40 -25.06
CA PRO C 116 7.47 -11.02 -25.04
C PRO C 116 6.54 -11.88 -25.92
N SER C 117 7.08 -12.93 -26.56
CA SER C 117 6.27 -13.89 -27.30
C SER C 117 5.32 -14.75 -26.45
N PHE C 118 4.09 -14.91 -26.96
CA PHE C 118 3.12 -15.81 -26.38
C PHE C 118 2.67 -15.40 -24.95
N LYS C 119 2.13 -14.19 -24.85
CA LYS C 119 1.57 -13.72 -23.62
C LYS C 119 0.26 -14.43 -23.38
N GLY C 120 -0.20 -14.45 -22.14
CA GLY C 120 -1.55 -14.97 -21.82
C GLY C 120 -1.55 -16.44 -21.44
N LEU C 121 -2.69 -17.11 -21.63
CA LEU C 121 -2.83 -18.49 -21.17
C LEU C 121 -2.41 -19.49 -22.26
N ASN C 122 -2.03 -20.70 -21.84
CA ASN C 122 -1.63 -21.78 -22.73
C ASN C 122 -0.45 -21.38 -23.67
N ALA C 123 0.57 -20.75 -23.09
CA ALA C 123 1.67 -20.24 -23.88
C ALA C 123 2.40 -21.34 -24.66
N GLN C 124 2.49 -22.52 -24.06
CA GLN C 124 3.10 -23.70 -24.67
C GLN C 124 2.35 -24.16 -25.93
N GLU C 125 1.04 -24.23 -25.83
CA GLU C 125 0.23 -24.56 -27.02
C GLU C 125 0.43 -23.51 -28.11
N GLN C 126 0.55 -22.24 -27.72
CA GLN C 126 0.76 -21.16 -28.69
C GLN C 126 2.08 -21.42 -29.40
N ALA C 127 3.14 -21.67 -28.64
CA ALA C 127 4.45 -22.01 -29.23
C ALA C 127 4.36 -23.19 -30.18
N TYR C 128 3.67 -24.24 -29.76
CA TYR C 128 3.54 -25.44 -30.57
C TYR C 128 2.87 -25.16 -31.92
N LYS C 129 1.76 -24.45 -31.91
CA LYS C 129 1.07 -24.12 -33.18
C LYS C 129 1.84 -23.11 -34.05
N ALA C 130 2.60 -22.22 -33.41
CA ALA C 130 3.40 -21.20 -34.12
C ALA C 130 4.53 -21.84 -34.96
N GLY C 131 5.00 -23.00 -34.47
CA GLY C 131 6.08 -23.74 -35.10
C GLY C 131 7.45 -23.16 -34.88
N VAL C 132 7.64 -22.52 -33.73
CA VAL C 132 8.98 -22.13 -33.30
C VAL C 132 9.87 -23.33 -33.04
N LYS C 133 11.17 -23.18 -33.29
CA LYS C 133 12.13 -24.26 -33.09
C LYS C 133 12.80 -24.16 -31.73
N ILE C 134 12.57 -23.03 -31.04
CA ILE C 134 13.13 -22.74 -29.71
C ILE C 134 12.03 -22.13 -28.86
N ALA C 135 11.90 -22.63 -27.63
CA ALA C 135 10.90 -22.19 -26.68
C ALA C 135 11.59 -21.99 -25.33
N GLY C 136 10.82 -21.78 -24.27
CA GLY C 136 11.47 -21.52 -23.00
C GLY C 136 10.56 -20.91 -21.98
N CYS C 137 11.15 -20.40 -20.90
CA CYS C 137 10.41 -19.78 -19.83
C CYS C 137 11.09 -18.50 -19.44
N THR C 138 10.32 -17.59 -18.85
CA THR C 138 10.77 -16.31 -18.41
C THR C 138 10.33 -16.07 -16.93
N LEU C 139 11.29 -15.74 -16.07
CA LEU C 139 11.02 -15.21 -14.75
C LEU C 139 10.93 -13.70 -14.88
N HIS C 140 9.88 -13.07 -14.32
CA HIS C 140 9.73 -11.62 -14.40
C HIS C 140 8.94 -11.01 -13.25
N TYR C 141 9.24 -9.77 -12.91
CA TYR C 141 8.38 -9.04 -11.99
C TYR C 141 6.96 -8.87 -12.56
N VAL C 142 5.95 -8.97 -11.70
CA VAL C 142 4.57 -8.66 -12.08
C VAL C 142 4.28 -7.17 -11.81
N TYR C 143 4.13 -6.40 -12.90
CA TYR C 143 3.73 -5.00 -12.85
C TYR C 143 2.28 -4.95 -13.34
N GLN C 144 1.73 -3.74 -13.52
CA GLN C 144 0.32 -3.61 -13.93
C GLN C 144 0.00 -4.29 -15.27
N GLU C 145 0.86 -4.14 -16.27
CA GLU C 145 0.62 -4.68 -17.62
C GLU C 145 0.90 -6.18 -17.63
N LEU C 146 -0.09 -6.98 -18.06
CA LEU C 146 -0.02 -8.45 -18.01
C LEU C 146 1.16 -8.98 -18.81
N ASP C 147 1.94 -9.85 -18.19
CA ASP C 147 3.09 -10.52 -18.83
C ASP C 147 4.09 -9.57 -19.50
N ALA C 148 4.23 -8.35 -18.98
CA ALA C 148 5.19 -7.40 -19.52
C ALA C 148 6.00 -6.64 -18.47
N GLY C 149 6.05 -7.13 -17.24
CA GLY C 149 6.93 -6.51 -16.23
C GLY C 149 8.38 -6.85 -16.52
N PRO C 150 9.34 -6.14 -15.88
CA PRO C 150 10.77 -6.38 -16.18
C PRO C 150 11.23 -7.84 -15.97
N ILE C 151 11.89 -8.35 -17.01
CA ILE C 151 12.39 -9.70 -17.11
C ILE C 151 13.63 -9.90 -16.24
N ILE C 152 13.61 -10.96 -15.43
CA ILE C 152 14.71 -11.29 -14.53
C ILE C 152 15.64 -12.34 -15.12
N MET C 153 15.06 -13.47 -15.52
CA MET C 153 15.81 -14.58 -16.11
C MET C 153 15.02 -15.22 -17.25
N GLN C 154 15.74 -15.79 -18.20
CA GLN C 154 15.11 -16.59 -19.25
C GLN C 154 15.94 -17.85 -19.51
N ALA C 155 15.26 -18.98 -19.74
CA ALA C 155 15.92 -20.24 -20.08
C ALA C 155 15.37 -20.82 -21.38
N ALA C 156 16.25 -21.20 -22.29
CA ALA C 156 15.88 -21.67 -23.61
C ALA C 156 15.88 -23.18 -23.73
N VAL C 157 14.95 -23.70 -24.52
CA VAL C 157 14.65 -25.10 -24.63
C VAL C 157 14.36 -25.40 -26.12
N PRO C 158 14.87 -26.52 -26.67
CA PRO C 158 14.58 -26.85 -28.05
C PRO C 158 13.18 -27.41 -28.22
N VAL C 159 12.66 -27.33 -29.43
CA VAL C 159 11.39 -27.98 -29.80
C VAL C 159 11.73 -29.07 -30.80
N LEU C 160 11.36 -30.30 -30.51
CA LEU C 160 11.69 -31.43 -31.40
C LEU C 160 10.61 -31.72 -32.42
N ARG C 161 11.01 -32.36 -33.53
CA ARG C 161 10.09 -32.76 -34.60
C ARG C 161 8.87 -33.53 -34.09
N GLU C 162 9.09 -34.41 -33.11
CA GLU C 162 8.06 -35.34 -32.66
C GLU C 162 7.28 -34.84 -31.46
N ASP C 163 7.54 -33.62 -31.01
CA ASP C 163 6.87 -33.06 -29.85
C ASP C 163 5.37 -32.93 -30.09
N THR C 164 4.60 -33.04 -29.02
CA THR C 164 3.25 -32.52 -28.98
C THR C 164 3.28 -31.29 -28.11
N ALA C 165 2.13 -30.66 -27.97
CA ALA C 165 1.98 -29.58 -27.01
C ALA C 165 2.43 -29.98 -25.58
N GLU C 166 2.05 -31.18 -25.12
CA GLU C 166 2.32 -31.61 -23.73
C GLU C 166 3.80 -32.02 -23.52
N SER C 167 4.33 -32.78 -24.46
CA SER C 167 5.77 -33.07 -24.47
C SER C 167 6.64 -31.79 -24.35
N LEU C 168 6.32 -30.78 -25.18
CA LEU C 168 7.03 -29.50 -25.12
C LEU C 168 6.78 -28.81 -23.77
N ALA C 169 5.56 -28.91 -23.23
CA ALA C 169 5.24 -28.31 -21.93
C ALA C 169 6.14 -28.88 -20.86
N SER C 170 6.35 -30.20 -20.93
CA SER C 170 7.18 -30.91 -19.95
C SER C 170 8.65 -30.43 -19.96
N ARG C 171 9.21 -30.25 -21.16
CA ARG C 171 10.58 -29.73 -21.26
C ARG C 171 10.70 -28.30 -20.72
N ILE C 172 9.69 -27.47 -20.92
CA ILE C 172 9.69 -26.09 -20.38
C ILE C 172 9.64 -26.08 -18.84
N LEU C 173 8.74 -26.89 -18.32
CA LEU C 173 8.59 -27.10 -16.87
C LEU C 173 9.92 -27.53 -16.24
N ALA C 174 10.58 -28.50 -16.85
CA ALA C 174 11.92 -28.94 -16.41
C ALA C 174 12.91 -27.78 -16.30
N ALA C 175 12.83 -26.84 -17.23
CA ALA C 175 13.70 -25.68 -17.23
C ALA C 175 13.22 -24.66 -16.18
N GLU C 176 11.92 -24.68 -15.89
CA GLU C 176 11.37 -23.79 -14.86
C GLU C 176 11.89 -24.19 -13.49
N HIS C 177 12.12 -25.48 -13.29
CA HIS C 177 12.65 -26.04 -12.04
C HIS C 177 14.06 -25.57 -11.73
N VAL C 178 14.80 -25.18 -12.76
CA VAL C 178 16.15 -24.71 -12.62
C VAL C 178 16.14 -23.20 -12.50
N CYS C 179 15.29 -22.57 -13.33
CA CYS C 179 15.19 -21.12 -13.40
C CYS C 179 14.60 -20.50 -12.11
N TYR C 180 13.47 -21.03 -11.63
CA TYR C 180 12.76 -20.33 -10.55
C TYR C 180 13.66 -20.24 -9.32
N PRO C 181 14.19 -21.38 -8.82
CA PRO C 181 15.07 -21.29 -7.65
C PRO C 181 16.29 -20.42 -7.83
N LYS C 182 16.91 -20.48 -9.01
CA LYS C 182 18.10 -19.68 -9.26
C LYS C 182 17.79 -18.20 -9.03
N GLY C 183 16.77 -17.69 -9.71
CA GLY C 183 16.39 -16.29 -9.61
C GLY C 183 16.09 -15.87 -8.18
N VAL C 184 15.26 -16.65 -7.48
CA VAL C 184 14.88 -16.28 -6.10
C VAL C 184 16.10 -16.11 -5.22
N LYS C 185 17.09 -16.95 -5.47
CA LYS C 185 18.30 -16.98 -4.66
C LYS C 185 19.19 -15.78 -4.98
N LEU C 186 19.18 -15.34 -6.23
CA LEU C 186 19.91 -14.12 -6.59
C LEU C 186 19.28 -12.92 -5.94
N ILE C 187 17.95 -12.91 -5.89
CA ILE C 187 17.23 -11.89 -5.16
C ILE C 187 17.59 -11.95 -3.68
N ALA C 188 17.61 -13.15 -3.11
CA ALA C 188 17.97 -13.34 -1.70
C ALA C 188 19.41 -12.91 -1.43
N GLN C 189 20.29 -13.04 -2.41
CA GLN C 189 21.67 -12.58 -2.25
C GLN C 189 21.83 -11.05 -2.33
N ASP C 190 20.73 -10.36 -2.63
CA ASP C 190 20.76 -8.96 -3.06
C ASP C 190 21.66 -8.72 -4.29
N LYS C 191 21.61 -9.63 -5.27
CA LYS C 191 22.37 -9.48 -6.51
C LYS C 191 21.57 -8.82 -7.63
N ILE C 192 20.25 -8.79 -7.50
CA ILE C 192 19.40 -8.24 -8.56
C ILE C 192 19.18 -6.74 -8.38
N LYS C 193 19.51 -5.98 -9.42
CA LYS C 193 19.29 -4.53 -9.41
C LYS C 193 18.60 -4.08 -10.70
N LEU C 194 17.61 -3.20 -10.57
CA LEU C 194 16.96 -2.54 -11.72
C LEU C 194 17.83 -1.42 -12.22
N CYS C 195 18.09 -1.37 -13.53
CA CYS C 195 18.81 -0.25 -14.11
C CYS C 195 17.93 0.99 -14.28
N ASP C 196 18.57 2.09 -14.66
CA ASP C 196 17.89 3.35 -14.94
C ASP C 196 16.89 3.23 -16.09
N ASP C 197 17.21 2.43 -17.11
CA ASP C 197 16.29 2.21 -18.23
C ASP C 197 15.13 1.22 -17.91
N GLY C 198 15.18 0.59 -16.74
CA GLY C 198 14.10 -0.27 -16.26
C GLY C 198 14.39 -1.75 -16.36
N THR C 199 15.45 -2.13 -17.08
CA THR C 199 15.83 -3.54 -17.22
C THR C 199 16.62 -4.05 -16.00
N VAL C 200 16.71 -5.35 -15.89
CA VAL C 200 17.32 -5.98 -14.72
C VAL C 200 18.75 -6.39 -15.06
N GLN C 201 19.61 -6.34 -14.04
CA GLN C 201 21.00 -6.77 -14.16
C GLN C 201 21.39 -7.58 -12.93
N CYS C 202 22.31 -8.54 -13.12
CA CYS C 202 22.96 -9.21 -11.97
C CYS C 202 24.30 -8.56 -11.62
N THR C 203 24.51 -8.27 -10.34
CA THR C 203 25.74 -7.59 -9.88
C THR C 203 26.84 -8.58 -9.49
N GLY C 204 26.80 -9.80 -10.03
CA GLY C 204 27.82 -10.78 -9.74
C GLY C 204 28.26 -11.58 -10.94
N GLU C 205 28.91 -12.70 -10.68
CA GLU C 205 29.42 -13.59 -11.72
C GLU C 205 28.30 -14.40 -12.36
N ASP C 206 27.14 -14.49 -11.68
CA ASP C 206 25.99 -15.21 -12.21
C ASP C 206 25.40 -14.53 -13.44
N GLU C 207 24.74 -15.35 -14.24
CA GLU C 207 24.24 -14.94 -15.53
C GLU C 207 22.72 -15.09 -15.54
N LEU C 208 22.04 -14.21 -16.26
CA LEU C 208 20.57 -14.19 -16.25
C LEU C 208 19.92 -14.99 -17.40
N PHE C 209 20.74 -15.67 -18.21
CA PHE C 209 20.25 -16.57 -19.27
C PHE C 209 20.70 -17.99 -19.01
N LEU C 210 19.89 -18.93 -19.43
CA LEU C 210 20.18 -20.35 -19.26
C LEU C 210 19.89 -21.06 -20.57
N PHE C 211 20.80 -21.90 -21.02
CA PHE C 211 20.54 -22.77 -22.12
C PHE C 211 20.42 -24.19 -21.61
N GLN C 212 19.19 -24.71 -21.62
CA GLN C 212 18.90 -26.08 -21.21
C GLN C 212 18.84 -26.91 -22.48
N GLU C 213 19.98 -27.46 -22.89
CA GLU C 213 20.11 -28.17 -24.15
C GLU C 213 19.34 -29.51 -24.23
N ASN C 214 18.98 -30.10 -23.09
CA ASN C 214 18.41 -31.47 -23.06
C ASN C 214 17.02 -31.67 -23.70
N PHE C 215 16.86 -32.81 -24.36
CA PHE C 215 15.63 -33.17 -25.10
C PHE C 215 14.47 -33.62 -24.20
N LYS D 7 -1.67 -23.15 20.65
CA LYS D 7 -2.88 -23.23 21.52
C LYS D 7 -4.14 -23.62 20.73
N GLU D 8 -5.14 -24.17 21.44
CA GLU D 8 -6.31 -24.88 20.83
C GLU D 8 -7.63 -24.09 20.78
N LEU D 9 -8.07 -23.47 21.89
CA LEU D 9 -9.24 -22.58 21.80
C LEU D 9 -8.82 -21.24 21.22
N ARG D 10 -9.37 -20.90 20.05
CA ARG D 10 -9.12 -19.62 19.40
C ARG D 10 -10.19 -18.57 19.66
N VAL D 11 -9.75 -17.40 20.10
CA VAL D 11 -10.59 -16.33 20.56
C VAL D 11 -10.35 -15.06 19.74
N GLY D 12 -11.42 -14.34 19.45
CA GLY D 12 -11.36 -13.03 18.82
C GLY D 12 -11.92 -12.04 19.82
N VAL D 13 -11.16 -10.99 20.14
CA VAL D 13 -11.62 -9.99 21.07
C VAL D 13 -12.02 -8.72 20.31
N LEU D 14 -13.27 -8.28 20.51
CA LEU D 14 -13.78 -7.00 20.01
C LEU D 14 -13.70 -5.96 21.12
N ILE D 15 -13.21 -4.78 20.76
CA ILE D 15 -12.93 -3.66 21.66
C ILE D 15 -13.24 -2.29 21.02
N SER D 16 -13.39 -1.28 21.86
CA SER D 16 -13.59 0.12 21.37
C SER D 16 -12.75 1.14 22.12
N GLY D 17 -12.17 0.78 23.27
CA GLY D 17 -11.44 1.75 24.07
C GLY D 17 -10.06 1.26 24.46
N ARG D 18 -9.76 1.40 25.76
CA ARG D 18 -8.39 1.24 26.30
C ARG D 18 -7.87 -0.20 26.31
N GLY D 19 -8.76 -1.18 26.39
CA GLY D 19 -8.38 -2.57 26.32
C GLY D 19 -7.80 -3.17 27.59
N SER D 20 -8.30 -2.77 28.75
CA SER D 20 -7.73 -3.28 30.01
C SER D 20 -8.14 -4.71 30.28
N ASN D 21 -9.41 -5.04 30.00
CA ASN D 21 -9.86 -6.43 29.99
C ASN D 21 -9.13 -7.29 28.94
N LEU D 22 -8.89 -6.73 27.75
CA LEU D 22 -8.06 -7.39 26.73
C LEU D 22 -6.67 -7.71 27.25
N GLU D 23 -6.06 -6.73 27.90
CA GLU D 23 -4.75 -6.91 28.56
C GLU D 23 -4.80 -8.02 29.61
N ALA D 24 -5.87 -8.08 30.37
CA ALA D 24 -5.96 -9.10 31.41
C ALA D 24 -6.05 -10.49 30.75
N LEU D 25 -6.78 -10.58 29.64
CA LEU D 25 -6.90 -11.83 28.87
C LEU D 25 -5.55 -12.25 28.26
N ALA D 26 -4.94 -11.35 27.49
CA ALA D 26 -3.63 -11.62 26.84
C ALA D 26 -2.59 -12.06 27.86
N LYS D 27 -2.52 -11.36 29.00
CA LYS D 27 -1.57 -11.71 30.05
C LYS D 27 -1.89 -13.09 30.59
N ALA D 28 -3.18 -13.34 30.82
CA ALA D 28 -3.62 -14.65 31.28
C ALA D 28 -3.19 -15.76 30.35
N PHE D 29 -3.25 -15.54 29.03
CA PHE D 29 -3.04 -16.61 28.03
C PHE D 29 -1.73 -16.56 27.22
N SER D 30 -0.60 -16.34 27.87
CA SER D 30 0.69 -16.29 27.17
C SER D 30 1.83 -17.01 27.91
N SER D 34 -0.68 -22.67 28.31
CA SER D 34 -2.03 -22.15 28.08
C SER D 34 -2.67 -22.77 26.83
N SER D 35 -3.95 -23.07 26.93
CA SER D 35 -4.71 -23.76 25.90
C SER D 35 -5.67 -22.79 25.20
N VAL D 36 -5.45 -21.50 25.42
CA VAL D 36 -6.19 -20.45 24.75
C VAL D 36 -5.23 -19.56 23.99
N VAL D 37 -5.61 -19.21 22.76
CA VAL D 37 -4.84 -18.31 21.92
C VAL D 37 -5.76 -17.18 21.41
N ILE D 38 -5.34 -15.94 21.57
CA ILE D 38 -6.07 -14.80 20.98
C ILE D 38 -5.56 -14.62 19.57
N SER D 39 -6.43 -14.92 18.58
CA SER D 39 -6.00 -14.95 17.20
C SER D 39 -6.11 -13.61 16.48
N CYS D 40 -6.91 -12.70 17.02
CA CYS D 40 -7.15 -11.40 16.37
C CYS D 40 -7.93 -10.45 17.26
N VAL D 41 -7.73 -9.16 17.03
CA VAL D 41 -8.45 -8.14 17.77
C VAL D 41 -9.08 -7.16 16.79
N ILE D 42 -10.38 -6.91 16.97
CA ILE D 42 -11.11 -6.01 16.09
C ILE D 42 -11.65 -4.82 16.86
N SER D 43 -11.46 -3.64 16.31
CA SER D 43 -11.95 -2.43 16.91
C SER D 43 -12.81 -1.68 15.93
N ASN D 44 -13.81 -1.00 16.47
CA ASN D 44 -14.69 -0.16 15.70
C ASN D 44 -14.23 1.29 15.77
N ASN D 45 -13.04 1.50 16.31
CA ASN D 45 -12.50 2.84 16.53
C ASN D 45 -11.00 2.91 16.24
N ALA D 46 -10.60 3.87 15.40
CA ALA D 46 -9.21 3.97 14.96
C ALA D 46 -8.24 4.45 16.03
N GLU D 47 -8.73 5.01 17.12
CA GLU D 47 -7.83 5.54 18.16
C GLU D 47 -7.98 4.78 19.49
N ALA D 48 -8.56 3.57 19.45
CA ALA D 48 -8.64 2.73 20.65
C ALA D 48 -7.25 2.26 21.06
N ARG D 49 -6.88 2.58 22.29
CA ARG D 49 -5.57 2.28 22.85
C ARG D 49 -5.32 0.77 23.02
N GLY D 50 -6.39 0.01 23.26
CA GLY D 50 -6.34 -1.45 23.25
C GLY D 50 -5.76 -2.04 21.96
N LEU D 51 -5.79 -1.28 20.87
CA LEU D 51 -5.13 -1.70 19.63
C LEU D 51 -3.64 -1.88 19.89
N LEU D 52 -3.05 -0.96 20.64
CA LEU D 52 -1.62 -1.03 20.98
C LEU D 52 -1.27 -2.17 21.91
N ILE D 53 -2.15 -2.45 22.86
CA ILE D 53 -2.00 -3.58 23.76
C ILE D 53 -1.90 -4.86 22.90
N ALA D 54 -2.87 -5.05 22.02
CA ALA D 54 -2.90 -6.22 21.15
C ALA D 54 -1.57 -6.40 20.40
N GLN D 55 -1.06 -5.30 19.87
CA GLN D 55 0.14 -5.36 19.05
C GLN D 55 1.39 -5.64 19.91
N SER D 56 1.42 -5.17 21.15
CA SER D 56 2.53 -5.48 22.07
C SER D 56 2.63 -6.98 22.32
N TYR D 57 1.51 -7.67 22.20
CA TYR D 57 1.48 -9.13 22.31
C TYR D 57 1.58 -9.83 20.93
N GLY D 58 1.78 -9.08 19.85
CA GLY D 58 1.94 -9.67 18.51
C GLY D 58 0.64 -10.22 17.92
N ILE D 59 -0.49 -9.78 18.45
CA ILE D 59 -1.82 -10.18 17.95
C ILE D 59 -2.27 -9.25 16.82
N PRO D 60 -2.67 -9.81 15.65
CA PRO D 60 -3.06 -8.93 14.54
C PRO D 60 -4.35 -8.15 14.85
N THR D 61 -4.34 -6.89 14.45
CA THR D 61 -5.44 -5.99 14.73
C THR D 61 -6.03 -5.39 13.45
N PHE D 62 -7.33 -5.10 13.54
CA PHE D 62 -8.13 -4.68 12.40
C PHE D 62 -9.11 -3.63 12.89
N VAL D 63 -9.32 -2.62 12.05
CA VAL D 63 -10.26 -1.57 12.35
C VAL D 63 -11.38 -1.61 11.33
N VAL D 64 -12.62 -1.44 11.81
CA VAL D 64 -13.81 -1.57 10.98
C VAL D 64 -14.71 -0.32 11.10
N LYS D 65 -15.44 0.00 10.02
CA LYS D 65 -16.34 1.14 10.01
C LYS D 65 -17.46 0.98 11.06
N ARG D 66 -17.84 2.11 11.67
CA ARG D 66 -18.68 2.15 12.86
C ARG D 66 -20.18 2.40 12.62
N LYS D 67 -20.53 3.45 11.90
CA LYS D 67 -21.95 3.76 11.65
C LYS D 67 -22.17 4.01 10.17
N PRO D 68 -22.66 3.01 9.42
CA PRO D 68 -23.20 1.70 9.85
C PRO D 68 -22.11 0.70 10.25
N LEU D 69 -22.38 -0.18 11.20
CA LEU D 69 -21.39 -1.17 11.58
C LEU D 69 -21.19 -2.16 10.42
N ASP D 70 -19.95 -2.29 9.96
CA ASP D 70 -19.62 -3.21 8.87
C ASP D 70 -19.43 -4.63 9.45
N ILE D 71 -20.54 -5.33 9.68
CA ILE D 71 -20.49 -6.66 10.30
C ILE D 71 -19.89 -7.75 9.42
N GLU D 72 -19.88 -7.55 8.10
CA GLU D 72 -19.37 -8.56 7.18
C GLU D 72 -17.84 -8.58 7.20
N HIS D 73 -17.23 -7.39 7.25
CA HIS D 73 -15.78 -7.22 7.53
C HIS D 73 -15.43 -7.95 8.84
N ILE D 74 -16.18 -7.65 9.91
CA ILE D 74 -15.98 -8.31 11.21
C ILE D 74 -16.09 -9.84 11.07
N SER D 75 -17.18 -10.31 10.47
CA SER D 75 -17.36 -11.74 10.19
C SER D 75 -16.20 -12.32 9.39
N THR D 76 -15.72 -11.59 8.38
CA THR D 76 -14.56 -12.00 7.57
C THR D 76 -13.24 -12.17 8.39
N VAL D 77 -12.77 -11.11 9.02
CA VAL D 77 -11.61 -11.22 9.91
C VAL D 77 -11.73 -12.43 10.85
N LEU D 78 -12.89 -12.60 11.48
CA LEU D 78 -13.09 -13.71 12.42
C LEU D 78 -12.95 -15.11 11.79
N ARG D 79 -13.64 -15.36 10.69
CA ARG D 79 -13.48 -16.64 9.93
C ARG D 79 -12.03 -16.85 9.44
N GLU D 80 -11.41 -15.78 8.97
CA GLU D 80 -10.07 -15.84 8.44
C GLU D 80 -9.06 -16.18 9.52
N HIS D 81 -9.34 -15.84 10.78
CA HIS D 81 -8.43 -16.25 11.87
C HIS D 81 -8.95 -17.45 12.70
N ASP D 82 -9.83 -18.26 12.11
CA ASP D 82 -10.36 -19.51 12.72
C ASP D 82 -10.82 -19.35 14.16
N VAL D 83 -11.58 -18.29 14.42
CA VAL D 83 -12.05 -18.03 15.78
C VAL D 83 -13.12 -19.05 16.21
N ASP D 84 -13.00 -19.58 17.42
CA ASP D 84 -14.03 -20.46 18.03
C ASP D 84 -14.96 -19.68 18.95
N LEU D 85 -14.45 -18.62 19.57
CA LEU D 85 -15.23 -17.83 20.54
C LEU D 85 -14.95 -16.33 20.38
N VAL D 86 -16.02 -15.54 20.26
CA VAL D 86 -15.94 -14.10 20.12
C VAL D 86 -16.18 -13.47 21.49
N CYS D 87 -15.18 -12.74 21.98
CA CYS D 87 -15.28 -12.12 23.30
C CYS D 87 -15.40 -10.62 23.15
N LEU D 88 -16.53 -10.02 23.58
CA LEU D 88 -16.65 -8.59 23.62
C LEU D 88 -16.01 -8.09 24.90
N ALA D 89 -15.20 -7.05 24.77
CA ALA D 89 -14.47 -6.51 25.90
C ALA D 89 -14.42 -4.98 25.81
N GLY D 90 -15.53 -4.35 26.13
CA GLY D 90 -15.67 -2.90 25.97
C GLY D 90 -16.04 -2.47 24.57
N PHE D 91 -16.68 -3.37 23.83
CA PHE D 91 -17.16 -3.08 22.49
C PHE D 91 -18.46 -2.29 22.60
N MET D 92 -18.43 -1.03 22.17
CA MET D 92 -19.59 -0.14 22.26
C MET D 92 -20.24 -0.02 20.89
N SER D 93 -20.81 -1.12 20.40
CA SER D 93 -21.64 -1.10 19.20
C SER D 93 -22.78 -2.08 19.36
N ILE D 94 -23.99 -1.63 19.06
CA ILE D 94 -25.13 -2.53 18.93
C ILE D 94 -24.81 -3.56 17.86
N LEU D 95 -24.93 -4.84 18.19
CA LEU D 95 -24.71 -5.92 17.23
C LEU D 95 -26.01 -6.31 16.53
N PRO D 96 -26.06 -6.22 15.18
CA PRO D 96 -27.24 -6.64 14.44
C PRO D 96 -27.64 -8.09 14.67
N GLU D 97 -28.92 -8.37 14.43
CA GLU D 97 -29.53 -9.69 14.67
C GLU D 97 -28.82 -10.80 13.88
N LYS D 98 -28.64 -10.60 12.58
CA LYS D 98 -28.01 -11.65 11.74
C LYS D 98 -26.61 -12.07 12.26
N PHE D 99 -25.83 -11.10 12.76
CA PHE D 99 -24.51 -11.39 13.31
C PHE D 99 -24.62 -12.27 14.56
N VAL D 100 -25.55 -11.92 15.44
CA VAL D 100 -25.78 -12.70 16.66
C VAL D 100 -26.26 -14.12 16.40
N THR D 101 -26.99 -14.33 15.30
CA THR D 101 -27.40 -15.70 14.93
C THR D 101 -26.32 -16.40 14.10
N ASP D 102 -25.48 -15.65 13.39
CA ASP D 102 -24.32 -16.23 12.68
C ASP D 102 -23.19 -16.71 13.62
N TRP D 103 -23.12 -16.15 14.84
CA TRP D 103 -22.16 -16.63 15.85
C TRP D 103 -22.90 -17.18 17.08
N HIS D 104 -24.03 -17.82 16.79
CA HIS D 104 -24.93 -18.49 17.75
C HIS D 104 -24.20 -19.31 18.81
N HIS D 105 -24.35 -18.91 20.07
CA HIS D 105 -23.71 -19.55 21.24
C HIS D 105 -22.17 -19.49 21.25
N LYS D 106 -21.62 -18.60 20.44
CA LYS D 106 -20.19 -18.45 20.40
C LYS D 106 -19.78 -17.02 20.67
N ILE D 107 -20.66 -16.21 21.28
CA ILE D 107 -20.32 -14.85 21.68
C ILE D 107 -20.58 -14.65 23.17
N ILE D 108 -19.59 -14.13 23.90
CA ILE D 108 -19.74 -13.76 25.31
C ILE D 108 -19.35 -12.33 25.55
N ASN D 109 -19.74 -11.79 26.71
CA ASN D 109 -19.57 -10.38 27.04
C ASN D 109 -19.44 -10.20 28.56
N ILE D 110 -18.60 -9.26 28.99
CA ILE D 110 -18.48 -8.90 30.40
C ILE D 110 -19.26 -7.59 30.57
N HIS D 111 -20.14 -7.51 31.55
CA HIS D 111 -20.98 -6.35 31.78
C HIS D 111 -20.70 -5.92 33.21
N PRO D 112 -20.56 -4.61 33.45
CA PRO D 112 -20.20 -4.11 34.77
C PRO D 112 -21.34 -3.87 35.77
N SER D 113 -22.27 -4.82 35.83
CA SER D 113 -23.26 -4.92 36.90
C SER D 113 -23.56 -6.37 37.21
N LEU D 114 -24.24 -6.57 38.33
CA LEU D 114 -24.90 -7.84 38.69
C LEU D 114 -26.25 -7.91 38.01
N LEU D 115 -26.23 -8.43 36.79
CA LEU D 115 -27.41 -8.63 36.01
C LEU D 115 -28.39 -9.55 36.76
N PRO D 116 -29.69 -9.37 36.54
CA PRO D 116 -30.27 -8.51 35.52
C PRO D 116 -30.40 -7.05 35.91
N SER D 117 -29.82 -6.64 37.04
CA SER D 117 -29.85 -5.22 37.40
C SER D 117 -28.93 -4.41 36.50
N PHE D 118 -29.43 -3.25 36.07
CA PHE D 118 -28.64 -2.21 35.44
C PHE D 118 -28.13 -2.63 34.06
N LYS D 119 -29.05 -2.99 33.17
CA LYS D 119 -28.72 -3.32 31.80
C LYS D 119 -28.39 -2.03 31.09
N GLY D 120 -27.58 -2.11 30.04
CA GLY D 120 -27.36 -0.96 29.17
C GLY D 120 -26.10 -0.18 29.48
N LEU D 121 -26.07 1.05 29.01
CA LEU D 121 -24.88 1.87 29.09
C LEU D 121 -24.73 2.41 30.51
N ASN D 122 -23.48 2.69 30.91
CA ASN D 122 -23.16 3.33 32.18
C ASN D 122 -23.68 2.56 33.44
N ALA D 123 -23.54 1.23 33.42
CA ALA D 123 -24.08 0.39 34.48
C ALA D 123 -23.56 0.78 35.88
N GLN D 124 -22.31 1.22 35.94
CA GLN D 124 -21.68 1.63 37.19
C GLN D 124 -22.30 2.89 37.78
N GLU D 125 -22.52 3.89 36.93
CA GLU D 125 -23.24 5.11 37.31
C GLU D 125 -24.66 4.79 37.76
N GLN D 126 -25.31 3.83 37.09
CA GLN D 126 -26.68 3.48 37.41
C GLN D 126 -26.70 2.94 38.84
N ALA D 127 -25.74 2.07 39.14
CA ALA D 127 -25.63 1.42 40.44
C ALA D 127 -25.25 2.41 41.55
N TYR D 128 -24.43 3.40 41.20
CA TYR D 128 -24.02 4.44 42.12
C TYR D 128 -25.22 5.28 42.58
N LYS D 129 -25.99 5.77 41.60
CA LYS D 129 -27.19 6.59 41.86
C LYS D 129 -28.34 5.79 42.47
N ALA D 130 -28.35 4.46 42.28
CA ALA D 130 -29.36 3.60 42.89
C ALA D 130 -29.10 3.35 44.39
N GLY D 131 -27.85 3.57 44.80
CA GLY D 131 -27.44 3.45 46.20
C GLY D 131 -27.29 2.00 46.70
N VAL D 132 -27.03 1.08 45.77
CA VAL D 132 -26.77 -0.34 46.13
C VAL D 132 -25.55 -0.44 47.05
N LYS D 133 -25.53 -1.42 47.94
CA LYS D 133 -24.37 -1.62 48.81
C LYS D 133 -23.40 -2.65 48.31
N ILE D 134 -23.82 -3.42 47.31
CA ILE D 134 -22.98 -4.41 46.64
C ILE D 134 -23.22 -4.32 45.13
N ALA D 135 -22.14 -4.32 44.38
CA ALA D 135 -22.19 -4.25 42.93
C ALA D 135 -21.28 -5.34 42.36
N GLY D 136 -21.08 -5.38 41.05
CA GLY D 136 -20.28 -6.45 40.46
C GLY D 136 -20.29 -6.47 38.94
N CYS D 137 -19.77 -7.56 38.38
CA CYS D 137 -19.76 -7.80 36.94
C CYS D 137 -20.32 -9.20 36.61
N THR D 138 -20.72 -9.36 35.36
CA THR D 138 -21.36 -10.58 34.90
C THR D 138 -20.75 -10.97 33.56
N LEU D 139 -20.28 -12.21 33.48
CA LEU D 139 -19.90 -12.81 32.23
C LEU D 139 -21.07 -13.58 31.73
N HIS D 140 -21.45 -13.33 30.48
CA HIS D 140 -22.62 -13.98 29.92
C HIS D 140 -22.56 -14.14 28.42
N TYR D 141 -23.33 -15.07 27.91
CA TYR D 141 -23.51 -15.27 26.49
C TYR D 141 -24.36 -14.15 25.90
N VAL D 142 -24.03 -13.74 24.69
CA VAL D 142 -24.80 -12.75 23.97
C VAL D 142 -25.83 -13.42 23.07
N TYR D 143 -27.10 -13.12 23.35
CA TYR D 143 -28.26 -13.64 22.63
C TYR D 143 -28.96 -12.44 21.98
N GLN D 144 -30.13 -12.66 21.38
CA GLN D 144 -30.88 -11.57 20.72
C GLN D 144 -31.29 -10.44 21.70
N GLU D 145 -31.75 -10.77 22.89
CA GLU D 145 -32.14 -9.74 23.86
C GLU D 145 -30.92 -9.10 24.55
N LEU D 146 -30.84 -7.77 24.50
CA LEU D 146 -29.69 -7.02 25.03
C LEU D 146 -29.46 -7.31 26.51
N ASP D 147 -28.24 -7.70 26.83
CA ASP D 147 -27.79 -8.03 28.18
C ASP D 147 -28.65 -9.03 28.99
N ALA D 148 -29.28 -10.00 28.31
CA ALA D 148 -30.16 -11.00 28.98
C ALA D 148 -29.81 -12.46 28.64
N GLY D 149 -28.71 -12.71 27.92
CA GLY D 149 -28.33 -14.10 27.66
C GLY D 149 -27.86 -14.86 28.89
N PRO D 150 -27.75 -16.20 28.80
CA PRO D 150 -27.43 -16.98 30.00
C PRO D 150 -26.15 -16.55 30.74
N ILE D 151 -26.24 -16.47 32.07
CA ILE D 151 -25.13 -16.03 32.91
C ILE D 151 -24.11 -17.16 33.06
N ILE D 152 -22.83 -16.83 32.91
CA ILE D 152 -21.72 -17.78 33.09
C ILE D 152 -21.05 -17.58 34.43
N MET D 153 -20.62 -16.36 34.71
CA MET D 153 -19.95 -16.02 35.96
C MET D 153 -20.39 -14.64 36.48
N GLN D 154 -20.45 -14.49 37.79
CA GLN D 154 -20.66 -13.19 38.45
C GLN D 154 -19.69 -13.01 39.63
N ALA D 155 -19.08 -11.84 39.72
CA ALA D 155 -18.26 -11.53 40.89
C ALA D 155 -18.82 -10.31 41.59
N ALA D 156 -18.86 -10.38 42.92
CA ALA D 156 -19.39 -9.30 43.75
C ALA D 156 -18.31 -8.44 44.38
N VAL D 157 -18.66 -7.19 44.62
CA VAL D 157 -17.76 -6.15 45.07
C VAL D 157 -18.56 -5.21 45.98
N PRO D 158 -17.99 -4.78 47.12
CA PRO D 158 -18.70 -3.80 47.93
C PRO D 158 -18.73 -2.41 47.30
N VAL D 159 -19.69 -1.59 47.71
CA VAL D 159 -19.71 -0.17 47.43
C VAL D 159 -19.44 0.50 48.77
N LEU D 160 -18.51 1.45 48.79
CA LEU D 160 -18.07 2.09 50.04
C LEU D 160 -18.72 3.46 50.23
N ARG D 161 -18.77 3.95 51.47
CA ARG D 161 -19.40 5.25 51.71
C ARG D 161 -18.78 6.35 50.87
N GLU D 162 -17.45 6.36 50.77
CA GLU D 162 -16.77 7.47 50.10
C GLU D 162 -16.52 7.25 48.59
N ASP D 163 -17.19 6.27 47.98
CA ASP D 163 -17.00 6.00 46.54
C ASP D 163 -17.62 7.10 45.68
N THR D 164 -17.06 7.28 44.50
CA THR D 164 -17.67 8.03 43.42
C THR D 164 -18.08 6.99 42.41
N ALA D 165 -18.87 7.39 41.43
CA ALA D 165 -19.15 6.50 40.28
C ALA D 165 -17.85 5.93 39.70
N GLU D 166 -16.84 6.77 39.59
CA GLU D 166 -15.58 6.38 38.95
C GLU D 166 -14.74 5.42 39.85
N SER D 167 -14.67 5.66 41.16
CA SER D 167 -13.93 4.72 42.03
C SER D 167 -14.71 3.38 42.18
N LEU D 168 -16.03 3.42 42.09
CA LEU D 168 -16.79 2.16 42.04
C LEU D 168 -16.44 1.42 40.73
N ALA D 169 -16.31 2.15 39.61
CA ALA D 169 -16.03 1.52 38.32
C ALA D 169 -14.68 0.77 38.38
N SER D 170 -13.68 1.43 38.97
CA SER D 170 -12.35 0.82 39.06
C SER D 170 -12.34 -0.50 39.84
N ARG D 171 -13.06 -0.54 40.97
CA ARG D 171 -13.17 -1.80 41.76
C ARG D 171 -13.86 -2.91 40.96
N ILE D 172 -14.91 -2.56 40.24
CA ILE D 172 -15.59 -3.52 39.35
C ILE D 172 -14.69 -3.96 38.22
N LEU D 173 -13.99 -3.01 37.62
CA LEU D 173 -13.01 -3.34 36.59
C LEU D 173 -11.97 -4.35 37.08
N ALA D 174 -11.43 -4.14 38.29
CA ALA D 174 -10.43 -5.08 38.83
C ALA D 174 -11.00 -6.50 38.97
N ALA D 175 -12.27 -6.57 39.33
CA ALA D 175 -12.97 -7.83 39.42
C ALA D 175 -13.22 -8.49 38.03
N GLU D 176 -13.47 -7.66 37.00
CA GLU D 176 -13.57 -8.17 35.61
C GLU D 176 -12.23 -8.81 35.16
N HIS D 177 -11.10 -8.23 35.59
CA HIS D 177 -9.78 -8.77 35.22
C HIS D 177 -9.57 -10.18 35.76
N VAL D 178 -10.27 -10.53 36.83
CA VAL D 178 -10.18 -11.87 37.39
C VAL D 178 -11.22 -12.75 36.73
N CYS D 179 -12.41 -12.20 36.52
CA CYS D 179 -13.59 -12.96 36.09
C CYS D 179 -13.54 -13.38 34.61
N TYR D 180 -13.01 -12.51 33.76
CA TYR D 180 -13.04 -12.74 32.32
C TYR D 180 -12.17 -13.95 31.99
N PRO D 181 -10.87 -13.90 32.34
CA PRO D 181 -10.00 -15.00 32.00
C PRO D 181 -10.38 -16.34 32.61
N LYS D 182 -10.87 -16.36 33.84
CA LYS D 182 -11.34 -17.61 34.47
C LYS D 182 -12.45 -18.29 33.65
N GLY D 183 -13.51 -17.55 33.34
CA GLY D 183 -14.59 -18.09 32.50
C GLY D 183 -14.12 -18.60 31.13
N VAL D 184 -13.21 -17.87 30.49
CA VAL D 184 -12.70 -18.32 29.17
C VAL D 184 -11.91 -19.62 29.32
N LYS D 185 -11.14 -19.71 30.41
CA LYS D 185 -10.42 -20.93 30.71
C LYS D 185 -11.40 -22.09 30.97
N LEU D 186 -12.50 -21.83 31.66
CA LEU D 186 -13.46 -22.91 31.92
C LEU D 186 -14.05 -23.40 30.61
N ILE D 187 -14.40 -22.50 29.70
CA ILE D 187 -14.93 -22.89 28.41
C ILE D 187 -13.88 -23.68 27.63
N ALA D 188 -12.67 -23.11 27.56
CA ALA D 188 -11.54 -23.77 26.88
C ALA D 188 -11.34 -25.21 27.34
N GLN D 189 -11.58 -25.48 28.63
CA GLN D 189 -11.37 -26.82 29.19
C GLN D 189 -12.64 -27.69 29.12
N ASP D 190 -13.64 -27.21 28.38
CA ASP D 190 -14.88 -27.94 28.13
C ASP D 190 -15.70 -28.24 29.38
N LYS D 191 -15.64 -27.35 30.38
CA LYS D 191 -16.28 -27.56 31.68
C LYS D 191 -17.62 -26.81 31.80
N ILE D 192 -17.82 -25.80 30.95
CA ILE D 192 -19.09 -25.12 30.89
C ILE D 192 -20.08 -25.89 30.02
N LYS D 193 -21.17 -26.35 30.64
CA LYS D 193 -22.31 -26.93 29.93
C LYS D 193 -23.57 -26.08 30.15
N LEU D 194 -24.51 -26.14 29.21
CA LEU D 194 -25.81 -25.50 29.32
C LEU D 194 -26.88 -26.49 29.70
N CYS D 195 -27.80 -26.08 30.56
CA CYS D 195 -28.84 -26.98 31.07
C CYS D 195 -30.06 -27.09 30.15
N ASP D 196 -30.99 -27.95 30.54
CA ASP D 196 -32.28 -28.07 29.88
C ASP D 196 -33.14 -26.82 30.05
N ASP D 197 -32.96 -26.11 31.17
CA ASP D 197 -33.77 -24.92 31.52
C ASP D 197 -33.19 -23.57 30.99
N GLY D 198 -32.02 -23.63 30.37
CA GLY D 198 -31.37 -22.45 29.81
C GLY D 198 -30.28 -21.85 30.66
N THR D 199 -29.89 -22.48 31.75
CA THR D 199 -28.82 -21.94 32.61
C THR D 199 -27.47 -22.63 32.38
N VAL D 200 -26.45 -22.10 33.03
CA VAL D 200 -25.07 -22.51 32.83
C VAL D 200 -24.48 -23.10 34.10
N GLN D 201 -23.95 -24.32 34.00
CA GLN D 201 -23.29 -24.96 35.13
C GLN D 201 -21.87 -25.40 34.79
N CYS D 202 -21.03 -25.53 35.82
CA CYS D 202 -19.67 -26.06 35.68
C CYS D 202 -19.53 -27.52 36.15
N THR D 203 -19.20 -28.43 35.23
CA THR D 203 -18.86 -29.81 35.60
C THR D 203 -17.39 -29.88 36.04
N GLY D 204 -17.12 -29.41 37.26
CA GLY D 204 -15.77 -29.41 37.79
C GLY D 204 -15.72 -29.01 39.26
N GLU D 205 -14.51 -28.75 39.74
CA GLU D 205 -14.31 -28.25 41.10
C GLU D 205 -14.63 -26.75 41.17
N ASP D 206 -14.76 -26.11 40.00
CA ASP D 206 -14.89 -24.67 39.93
C ASP D 206 -16.34 -24.17 40.09
N GLU D 207 -16.51 -23.20 40.98
CA GLU D 207 -17.81 -22.54 41.16
C GLU D 207 -17.84 -21.28 40.31
N LEU D 208 -19.05 -20.77 40.07
CA LEU D 208 -19.27 -19.70 39.09
C LEU D 208 -19.54 -18.33 39.73
N PHE D 209 -19.29 -18.22 41.03
CA PHE D 209 -19.39 -16.96 41.76
C PHE D 209 -18.03 -16.60 42.31
N LEU D 210 -17.78 -15.31 42.48
CA LEU D 210 -16.53 -14.82 43.09
C LEU D 210 -16.89 -13.68 44.01
N PHE D 211 -16.21 -13.59 45.16
CA PHE D 211 -16.47 -12.55 46.14
C PHE D 211 -15.23 -11.67 46.41
N GLN D 212 -14.97 -10.71 45.53
CA GLN D 212 -13.78 -9.86 45.66
C GLN D 212 -14.02 -8.81 46.75
N GLU D 213 -13.86 -9.21 48.00
CA GLU D 213 -14.08 -8.32 49.14
C GLU D 213 -12.85 -7.46 49.39
C1 GOL E . 3.82 15.16 -38.58
O1 GOL E . 5.07 14.51 -38.45
C2 GOL E . 2.81 14.30 -39.34
O2 GOL E . 1.90 15.18 -39.95
C3 GOL E . 2.09 13.42 -38.32
O3 GOL E . 1.38 14.26 -37.42
C1 GOL F . 3.69 15.70 22.39
O1 GOL F . 4.06 14.38 22.71
C2 GOL F . 3.21 15.73 20.95
O2 GOL F . 2.79 14.46 20.52
C3 GOL F . 4.38 16.14 20.06
O3 GOL F . 4.03 15.79 18.74
C1 GOL G . 1.14 -26.08 -11.29
O1 GOL G . -0.18 -25.62 -11.48
C2 GOL G . 1.92 -25.90 -12.59
O2 GOL G . 1.75 -27.09 -13.33
C3 GOL G . 3.41 -25.64 -12.29
O3 GOL G . 3.70 -24.27 -12.04
C1 GOL H . -12.26 0.17 29.87
O1 GOL H . -13.29 0.64 29.05
C2 GOL H . -11.59 -0.99 29.16
O2 GOL H . -11.28 -0.63 27.82
C3 GOL H . -12.53 -2.19 29.12
O3 GOL H . -11.78 -3.33 28.80
#